data_8JH7
#
_entry.id   8JH7
#
_cell.length_a   1.00
_cell.length_b   1.00
_cell.length_c   1.00
_cell.angle_alpha   90.00
_cell.angle_beta   90.00
_cell.angle_gamma   90.00
#
_symmetry.space_group_name_H-M   'P 1'
#
loop_
_entity.id
_entity.type
_entity.pdbx_description
1 polymer 'anti-BRIL Fab Heavy chain'
2 polymer 'anti-Fab Nanobody'
3 polymer 'anti-BRIL Fab Light chain'
4 polymer 'Frizzled-6,Soluble cytochrome b562'
#
loop_
_entity_poly.entity_id
_entity_poly.type
_entity_poly.pdbx_seq_one_letter_code
_entity_poly.pdbx_strand_id
1 'polypeptide(L)'
;EVQLVESGGGLVQPGGSLRLSCAASGFNVVDFSLHWVRQAPGKGLEWVAYISSSSGSTSYADSVKGRFTISADTSKNTAY
LQMNSLRAEDTAVYYCARWGYWPGEPWWKAFDYWGQGTLVTVSSASTKGPSVFPLAPSSKSTSGGTAALGCLVKDYFPEP
VTVSWNSGALTSGVHTFPAVLQSSGLYSLSSVVTVPSSSLGTQTYICNVNHKPSNTKVDKKVEPKSLEVLFQGPHHHHHH
;
H
2 'polypeptide(L)'
;HHHHHHQVQLQESGGGLVQPGGSLRLSCAASGRTISRYAMSWFRQAPGKEREFVAVARRSGDGAFYADSVQGRFTVSRDD
AKNTVYLQMNSLKPEDTAVYYCAIDSDTFYSGSYDYWGQGTQVTVSS
;
K
3 'polypeptide(L)'
;DIQMTQSPSSLSASVGDRVTITCRASQSVSSAVAWYQQKPGKAPKLLIYSASSLYSGVPSRFSGSRSGTDFTLTISSLQP
EDFATYYCQQYLYYSLVTFGQGTKVEIKRTVAAPSVFIFPPSDSQLKSGTASVVCLLNNFYPREAKVQWKVDNALQSGNS
QESVTEQDSKDSTYSLSSTLTLSKADYEKHKVYACEVTHQGLSSPVTKSFNR
;
L
4 'polypeptide(L)'
;MKTIIALSYIFCLVFADYKDDDDKHHHHHHHHHHENLYFQGHSLFTCEPITVPRCMKMAYNMTFFPNLMGHYDQSIAAVE
MEHFLPLANLECSPNIETFLCKAFVPTCIEQIHVVPPCRKLCEKVYSDCKKLIDTFGIRWPEELECDRLQYCDETVPVTF
DPHTEFLGPQKKTEQVQRDIGFWCPRHLKTSGGQGYKFLGIDQCAPPCPNMYFKSDELEFAKSFIGTVSIFCLCATLFTF
LTFLIDVRRFRYPERPIIYYSVCYSIVSLMYFIGFLLGDSTACNKADEKLELGDTVVLGSQNKACTVLFMLLYFFTMAGT
VWWVILTITWFLAAGRKWSCEAIEQKAVWFHAVAWGTPGFLTVMLLAMNKVEGDNISGVCFVGLYDLDASRYFVLLPLCL
CVFVGLSLLLAGIISLNHVARRQLADLEDNWETLNDNLKVIEKADNAAQVKDALTKMRAAALDAQKATPPKLEDKSPDSP
EMKDFRHGFDILVGQIDDALKLANEGKVKEAQAAAEQLKTTRNAYIQKYLERARSTLEEKLKKFMIRIGVFSGLYLVPLV
TLLGCYVYEQVNRITWEITWVSDHCRQYHIPCPYQAKAKARPELALFMIKYLMTLIVGISAVFWVGSKKTCTEWAGFFKR
N
;
D
#
# COMPACT_ATOMS: atom_id res chain seq x y z
N GLU A 1 -15.83 19.03 30.10
CA GLU A 1 -15.00 17.95 29.58
C GLU A 1 -15.27 16.66 30.33
N VAL A 2 -15.41 15.56 29.59
CA VAL A 2 -15.69 14.25 30.17
C VAL A 2 -14.38 13.55 30.47
N GLN A 3 -14.33 12.86 31.60
CA GLN A 3 -13.11 12.23 32.08
C GLN A 3 -13.43 10.92 32.75
N LEU A 4 -12.43 10.06 32.84
CA LEU A 4 -12.53 8.79 33.54
C LEU A 4 -11.39 8.69 34.53
N VAL A 5 -11.72 8.37 35.78
CA VAL A 5 -10.72 8.25 36.84
C VAL A 5 -10.87 6.90 37.51
N GLU A 6 -9.74 6.34 37.95
CA GLU A 6 -9.72 5.04 38.60
C GLU A 6 -9.19 5.19 40.02
N SER A 7 -9.62 4.29 40.90
CA SER A 7 -9.18 4.30 42.29
C SER A 7 -9.17 2.89 42.82
N GLY A 8 -8.43 2.69 43.91
CA GLY A 8 -8.37 1.41 44.59
C GLY A 8 -7.07 0.66 44.42
N GLY A 9 -6.13 1.17 43.65
CA GLY A 9 -4.86 0.49 43.48
C GLY A 9 -4.02 0.50 44.74
N GLY A 10 -3.16 -0.50 44.86
CA GLY A 10 -2.32 -0.62 46.03
C GLY A 10 -1.75 -2.02 46.16
N LEU A 11 -1.44 -2.38 47.41
CA LEU A 11 -0.79 -3.65 47.73
C LEU A 11 -1.79 -4.58 48.40
N VAL A 12 -1.94 -5.79 47.85
CA VAL A 12 -2.82 -6.81 48.41
C VAL A 12 -2.09 -8.14 48.46
N GLN A 13 -2.55 -9.00 49.35
CA GLN A 13 -2.00 -10.34 49.49
C GLN A 13 -2.44 -11.22 48.33
N PRO A 14 -1.61 -12.17 47.91
CA PRO A 14 -2.04 -13.13 46.88
C PRO A 14 -3.19 -13.99 47.39
N GLY A 15 -4.13 -14.26 46.50
CA GLY A 15 -5.33 -14.98 46.87
C GLY A 15 -6.36 -14.16 47.61
N GLY A 16 -6.14 -12.85 47.74
CA GLY A 16 -7.05 -11.98 48.46
C GLY A 16 -8.08 -11.34 47.57
N SER A 17 -8.64 -10.23 48.05
CA SER A 17 -9.70 -9.51 47.34
C SER A 17 -9.34 -8.04 47.24
N LEU A 18 -9.83 -7.40 46.19
CA LEU A 18 -9.56 -6.00 45.94
C LEU A 18 -10.68 -5.45 45.08
N ARG A 19 -11.08 -4.20 45.34
CA ARG A 19 -12.15 -3.54 44.62
C ARG A 19 -11.60 -2.31 43.90
N LEU A 20 -11.88 -2.22 42.61
CA LEU A 20 -11.46 -1.09 41.79
C LEU A 20 -12.69 -0.33 41.33
N SER A 21 -12.61 1.00 41.35
CA SER A 21 -13.73 1.87 41.00
C SER A 21 -13.31 2.81 39.89
N CYS A 22 -14.14 2.88 38.84
CA CYS A 22 -13.91 3.77 37.71
C CYS A 22 -15.07 4.76 37.63
N ALA A 23 -14.81 6.01 37.99
CA ALA A 23 -15.85 7.03 38.04
C ALA A 23 -15.86 7.80 36.73
N ALA A 24 -17.02 7.88 36.10
CA ALA A 24 -17.19 8.58 34.83
C ALA A 24 -17.89 9.90 35.09
N SER A 25 -17.16 11.00 34.92
CA SER A 25 -17.73 12.33 35.09
C SER A 25 -18.11 12.90 33.73
N GLY A 26 -19.32 13.44 33.65
CA GLY A 26 -19.84 13.92 32.38
C GLY A 26 -20.85 12.99 31.76
N PHE A 27 -20.42 12.19 30.78
CA PHE A 27 -21.30 11.24 30.13
C PHE A 27 -21.77 10.18 31.13
N ASN A 28 -23.01 9.74 30.98
CA ASN A 28 -23.56 8.73 31.86
C ASN A 28 -23.11 7.33 31.44
N VAL A 29 -23.22 6.39 32.38
CA VAL A 29 -22.85 5.01 32.11
C VAL A 29 -23.91 4.26 31.29
N VAL A 30 -25.06 4.87 31.06
CA VAL A 30 -26.12 4.21 30.28
C VAL A 30 -25.99 4.48 28.78
N ASP A 31 -25.30 5.55 28.39
CA ASP A 31 -25.11 5.88 26.99
C ASP A 31 -23.81 5.32 26.41
N PHE A 32 -23.02 4.62 27.22
CA PHE A 32 -21.74 4.10 26.80
C PHE A 32 -21.45 2.81 27.54
N SER A 33 -20.55 2.00 26.98
CA SER A 33 -20.12 0.75 27.58
C SER A 33 -18.71 0.93 28.13
N LEU A 34 -18.52 0.57 29.40
CA LEU A 34 -17.25 0.77 30.07
C LEU A 34 -16.45 -0.53 30.04
N HIS A 35 -15.23 -0.47 29.52
CA HIS A 35 -14.34 -1.61 29.39
C HIS A 35 -13.14 -1.45 30.31
N TRP A 36 -12.43 -2.55 30.53
CA TRP A 36 -11.22 -2.56 31.34
C TRP A 36 -10.11 -3.26 30.56
N VAL A 37 -8.99 -2.57 30.41
CA VAL A 37 -7.82 -3.08 29.69
C VAL A 37 -6.65 -3.14 30.66
N ARG A 38 -6.00 -4.29 30.73
CA ARG A 38 -4.91 -4.54 31.67
C ARG A 38 -3.59 -4.61 30.90
N GLN A 39 -2.57 -3.92 31.43
CA GLN A 39 -1.24 -3.92 30.82
C GLN A 39 -0.23 -4.37 31.86
N ALA A 40 0.36 -5.55 31.65
CA ALA A 40 1.40 -6.04 32.54
C ALA A 40 2.66 -5.17 32.41
N PRO A 41 3.45 -5.07 33.47
CA PRO A 41 4.68 -4.26 33.40
C PRO A 41 5.68 -4.86 32.42
N GLY A 42 5.94 -4.12 31.34
CA GLY A 42 6.83 -4.57 30.29
C GLY A 42 6.19 -5.44 29.24
N LYS A 43 4.88 -5.62 29.28
CA LYS A 43 4.16 -6.44 28.31
C LYS A 43 3.11 -5.57 27.61
N GLY A 44 2.37 -6.19 26.69
CA GLY A 44 1.37 -5.49 25.92
C GLY A 44 0.01 -5.43 26.63
N LEU A 45 -0.90 -4.69 26.03
CA LEU A 45 -2.24 -4.54 26.56
C LEU A 45 -3.04 -5.82 26.37
N GLU A 46 -3.85 -6.16 27.37
CA GLU A 46 -4.78 -7.27 27.25
C GLU A 46 -6.13 -6.86 27.81
N TRP A 47 -7.18 -7.46 27.27
CA TRP A 47 -8.55 -7.13 27.61
C TRP A 47 -9.06 -8.00 28.75
N VAL A 48 -9.83 -7.39 29.66
CA VAL A 48 -10.33 -8.07 30.85
C VAL A 48 -11.85 -8.26 30.80
N ALA A 49 -12.61 -7.17 30.79
CA ALA A 49 -14.05 -7.26 30.97
C ALA A 49 -14.72 -6.01 30.44
N TYR A 50 -16.06 -6.05 30.34
CA TYR A 50 -16.83 -4.86 30.04
C TYR A 50 -18.17 -4.97 30.75
N ILE A 51 -18.85 -3.83 30.87
CA ILE A 51 -20.19 -3.78 31.42
C ILE A 51 -21.04 -2.83 30.58
N SER A 52 -22.31 -3.19 30.43
CA SER A 52 -23.29 -2.34 29.74
C SER A 52 -24.43 -2.09 30.70
N SER A 53 -24.58 -0.84 31.14
CA SER A 53 -25.59 -0.50 32.13
C SER A 53 -27.00 -0.42 31.56
N SER A 54 -27.15 -0.53 30.23
CA SER A 54 -28.47 -0.42 29.62
C SER A 54 -29.33 -1.62 29.98
N SER A 55 -28.79 -2.82 29.86
CA SER A 55 -29.57 -4.03 30.12
C SER A 55 -28.81 -4.99 31.03
N GLY A 56 -27.49 -4.90 31.02
CA GLY A 56 -26.66 -5.84 31.76
C GLY A 56 -26.05 -6.87 30.82
N SER A 57 -24.81 -6.65 30.43
CA SER A 57 -24.14 -7.48 29.43
C SER A 57 -22.73 -7.82 29.89
N THR A 58 -22.62 -8.30 31.13
CA THR A 58 -21.31 -8.63 31.69
C THR A 58 -20.64 -9.76 30.93
N SER A 59 -19.34 -9.63 30.74
CA SER A 59 -18.52 -10.68 30.14
C SER A 59 -17.08 -10.45 30.56
N TYR A 60 -16.29 -11.52 30.52
CA TYR A 60 -14.92 -11.48 30.99
C TYR A 60 -14.02 -12.24 30.03
N ALA A 61 -12.72 -12.08 30.21
CA ALA A 61 -11.74 -12.82 29.44
C ALA A 61 -11.69 -14.28 29.89
N ASP A 62 -11.08 -15.12 29.05
CA ASP A 62 -11.02 -16.55 29.34
C ASP A 62 -10.14 -16.83 30.55
N SER A 63 -9.07 -16.05 30.74
CA SER A 63 -8.17 -16.30 31.86
C SER A 63 -8.75 -15.85 33.19
N VAL A 64 -9.79 -15.02 33.17
CA VAL A 64 -10.40 -14.50 34.39
C VAL A 64 -11.87 -14.87 34.50
N LYS A 65 -12.36 -15.76 33.64
CA LYS A 65 -13.76 -16.15 33.68
C LYS A 65 -14.03 -17.01 34.92
N GLY A 66 -15.09 -16.68 35.65
CA GLY A 66 -15.42 -17.36 36.87
C GLY A 66 -14.61 -16.95 38.08
N ARG A 67 -13.72 -15.98 37.93
CA ARG A 67 -12.86 -15.50 39.00
C ARG A 67 -13.05 -14.01 39.29
N PHE A 68 -13.16 -13.19 38.26
CA PHE A 68 -13.41 -11.77 38.41
C PHE A 68 -14.91 -11.49 38.39
N THR A 69 -15.26 -10.25 38.72
CA THR A 69 -16.64 -9.79 38.56
C THR A 69 -16.61 -8.28 38.33
N ILE A 70 -17.68 -7.78 37.71
CA ILE A 70 -17.79 -6.37 37.38
C ILE A 70 -19.23 -5.93 37.66
N SER A 71 -19.37 -4.67 38.06
CA SER A 71 -20.68 -4.10 38.33
C SER A 71 -20.64 -2.60 38.02
N ALA A 72 -21.82 -2.04 37.79
CA ALA A 72 -21.92 -0.62 37.48
C ALA A 72 -23.30 -0.13 37.90
N ASP A 73 -23.37 1.15 38.30
CA ASP A 73 -24.63 1.77 38.67
C ASP A 73 -24.71 3.17 38.10
N THR A 74 -25.93 3.63 37.87
CA THR A 74 -26.19 4.95 37.32
C THR A 74 -26.34 6.01 38.40
N SER A 75 -26.78 5.62 39.60
CA SER A 75 -27.00 6.58 40.69
C SER A 75 -25.71 7.29 41.09
N LYS A 76 -24.60 6.55 41.16
CA LYS A 76 -23.31 7.14 41.48
C LYS A 76 -22.44 7.38 40.25
N ASN A 77 -22.85 6.87 39.09
CA ASN A 77 -22.17 7.09 37.81
C ASN A 77 -20.72 6.59 37.86
N THR A 78 -20.57 5.30 38.15
CA THR A 78 -19.26 4.69 38.30
C THR A 78 -19.37 3.19 38.03
N ALA A 79 -18.22 2.57 37.80
CA ALA A 79 -18.13 1.13 37.56
C ALA A 79 -17.21 0.50 38.59
N TYR A 80 -17.65 -0.62 39.16
CA TYR A 80 -16.90 -1.36 40.16
C TYR A 80 -16.48 -2.71 39.59
N LEU A 81 -15.28 -3.14 39.93
CA LEU A 81 -14.74 -4.40 39.42
C LEU A 81 -13.88 -5.03 40.51
N GLN A 82 -14.35 -6.14 41.06
CA GLN A 82 -13.82 -6.77 42.26
C GLN A 82 -12.84 -7.90 41.92
N MET A 83 -11.95 -8.17 42.87
CA MET A 83 -10.99 -9.26 42.80
C MET A 83 -11.41 -10.40 43.72
N ASN A 84 -11.31 -11.63 43.22
CA ASN A 84 -11.45 -12.82 44.03
C ASN A 84 -10.33 -13.79 43.68
N SER A 85 -9.56 -14.20 44.70
CA SER A 85 -8.44 -15.12 44.55
C SER A 85 -7.42 -14.60 43.53
N LEU A 86 -6.78 -13.49 43.90
CA LEU A 86 -5.79 -12.86 43.04
C LEU A 86 -4.53 -13.73 42.94
N ARG A 87 -4.09 -13.97 41.71
CA ARG A 87 -2.85 -14.71 41.49
C ARG A 87 -1.70 -13.73 41.22
N ALA A 88 -0.48 -14.27 41.14
CA ALA A 88 0.69 -13.41 41.03
C ALA A 88 0.82 -12.79 39.64
N GLU A 89 0.26 -13.42 38.61
CA GLU A 89 0.38 -12.91 37.25
C GLU A 89 -0.58 -11.75 36.97
N ASP A 90 -1.44 -11.39 37.91
CA ASP A 90 -2.38 -10.30 37.74
C ASP A 90 -1.82 -8.94 38.10
N THR A 91 -0.56 -8.86 38.54
CA THR A 91 0.05 -7.58 38.83
C THR A 91 0.27 -6.80 37.54
N ALA A 92 -0.41 -5.68 37.42
CA ALA A 92 -0.46 -4.90 36.18
C ALA A 92 -1.09 -3.55 36.50
N VAL A 93 -1.32 -2.75 35.46
CA VAL A 93 -2.05 -1.50 35.57
C VAL A 93 -3.34 -1.65 34.78
N TYR A 94 -4.45 -1.22 35.39
CA TYR A 94 -5.78 -1.41 34.84
C TYR A 94 -6.33 -0.08 34.34
N TYR A 95 -6.67 -0.03 33.06
CA TYR A 95 -7.20 1.16 32.43
C TYR A 95 -8.71 1.01 32.23
N CYS A 96 -9.44 2.10 32.44
CA CYS A 96 -10.88 2.13 32.22
C CYS A 96 -11.17 2.84 30.90
N ALA A 97 -11.90 2.16 30.02
CA ALA A 97 -12.13 2.65 28.67
C ALA A 97 -13.62 2.84 28.42
N ARG A 98 -13.93 3.56 27.35
CA ARG A 98 -15.30 3.89 26.97
C ARG A 98 -15.55 3.50 25.53
N TRP A 99 -16.63 2.76 25.28
CA TRP A 99 -16.99 2.30 23.95
C TRP A 99 -18.46 2.58 23.71
N GLY A 100 -18.79 3.07 22.51
CA GLY A 100 -20.14 3.42 22.17
C GLY A 100 -21.00 2.23 21.85
N TYR A 101 -22.27 2.51 21.57
CA TYR A 101 -23.27 1.50 21.29
C TYR A 101 -23.60 1.47 19.80
N TRP A 102 -23.83 0.27 19.29
CA TRP A 102 -24.33 0.12 17.94
C TRP A 102 -25.77 0.64 17.86
N PRO A 103 -26.17 1.30 16.76
CA PRO A 103 -25.43 1.60 15.54
C PRO A 103 -24.81 2.98 15.46
N GLY A 104 -24.03 3.23 14.43
CA GLY A 104 -23.54 4.55 14.11
C GLY A 104 -22.07 4.73 14.45
N GLU A 105 -21.65 6.00 14.40
CA GLU A 105 -20.27 6.36 14.72
C GLU A 105 -19.80 5.98 16.13
N PRO A 106 -20.61 6.09 17.21
CA PRO A 106 -20.08 5.70 18.53
C PRO A 106 -19.56 4.28 18.62
N TRP A 107 -20.17 3.31 17.93
CA TRP A 107 -19.62 1.96 17.93
C TRP A 107 -18.36 1.88 17.09
N TRP A 108 -18.37 2.53 15.92
CA TRP A 108 -17.21 2.46 15.03
C TRP A 108 -15.99 3.14 15.64
N LYS A 109 -16.21 4.11 16.52
CA LYS A 109 -15.13 4.60 17.36
C LYS A 109 -14.83 3.57 18.43
N ALA A 110 -13.55 3.20 18.55
CA ALA A 110 -13.10 2.27 19.57
C ALA A 110 -12.97 3.02 20.90
N PHE A 111 -12.24 2.46 21.86
CA PHE A 111 -12.03 3.17 23.12
C PHE A 111 -11.38 4.52 22.87
N ASP A 112 -12.16 5.58 23.09
CA ASP A 112 -11.76 6.94 22.78
C ASP A 112 -11.05 7.59 23.97
N TYR A 113 -11.71 7.57 25.13
CA TYR A 113 -11.20 8.24 26.32
C TYR A 113 -10.82 7.17 27.34
N TRP A 114 -9.58 7.24 27.82
CA TRP A 114 -9.04 6.27 28.76
C TRP A 114 -8.81 6.93 30.11
N GLY A 115 -8.86 6.12 31.17
CA GLY A 115 -8.59 6.62 32.49
C GLY A 115 -7.10 6.71 32.78
N GLN A 116 -6.79 7.22 33.97
CA GLN A 116 -5.39 7.34 34.38
C GLN A 116 -4.77 5.98 34.61
N GLY A 117 -5.50 5.06 35.24
CA GLY A 117 -4.97 3.74 35.52
C GLY A 117 -4.35 3.63 36.90
N THR A 118 -4.69 2.58 37.63
CA THR A 118 -4.15 2.33 38.95
C THR A 118 -3.36 1.03 38.95
N LEU A 119 -2.15 1.08 39.51
CA LEU A 119 -1.28 -0.09 39.55
C LEU A 119 -1.65 -0.97 40.73
N VAL A 120 -1.74 -2.28 40.48
CA VAL A 120 -2.01 -3.26 41.53
C VAL A 120 -0.82 -4.20 41.61
N THR A 121 -0.61 -4.75 42.81
CA THR A 121 0.55 -5.59 43.06
C THR A 121 0.14 -6.65 44.08
N VAL A 122 0.67 -7.86 43.90
CA VAL A 122 0.52 -8.94 44.87
C VAL A 122 1.68 -8.88 45.85
N SER A 123 1.38 -9.05 47.14
CA SER A 123 2.35 -8.86 48.21
C SER A 123 2.56 -10.20 48.92
N SER A 124 3.49 -11.00 48.39
CA SER A 124 3.83 -12.27 49.01
C SER A 124 4.78 -12.10 50.19
N ALA A 125 5.32 -10.90 50.40
CA ALA A 125 6.23 -10.63 51.50
C ALA A 125 5.89 -9.28 52.12
N SER A 126 6.24 -9.14 53.40
CA SER A 126 6.02 -7.90 54.11
C SER A 126 7.03 -6.84 53.65
N THR A 127 6.69 -5.58 53.91
CA THR A 127 7.57 -4.48 53.56
C THR A 127 8.83 -4.51 54.42
N LYS A 128 9.96 -4.21 53.80
CA LYS A 128 11.23 -4.15 54.51
C LYS A 128 12.12 -3.12 53.83
N GLY A 129 13.04 -2.54 54.61
CA GLY A 129 13.92 -1.52 54.12
C GLY A 129 14.98 -2.05 53.18
N PRO A 130 15.46 -1.20 52.28
CA PRO A 130 16.54 -1.63 51.37
C PRO A 130 17.85 -1.84 52.10
N SER A 131 18.64 -2.76 51.56
CA SER A 131 20.01 -3.00 52.00
C SER A 131 20.94 -2.54 50.90
N VAL A 132 21.80 -1.58 51.21
CA VAL A 132 22.66 -0.93 50.22
C VAL A 132 24.07 -1.48 50.34
N PHE A 133 24.67 -1.84 49.21
CA PHE A 133 26.02 -2.35 49.14
C PHE A 133 26.80 -1.60 48.08
N PRO A 134 28.02 -1.18 48.37
CA PRO A 134 28.77 -0.34 47.43
C PRO A 134 29.47 -1.18 46.36
N LEU A 135 29.80 -0.49 45.26
CA LEU A 135 30.52 -1.09 44.13
C LEU A 135 31.82 -0.32 43.93
N ALA A 136 32.85 -0.72 44.67
CA ALA A 136 34.14 -0.06 44.53
C ALA A 136 34.84 -0.54 43.26
N PRO A 137 35.21 0.35 42.35
CA PRO A 137 35.95 -0.06 41.15
C PRO A 137 37.36 -0.53 41.51
N SER A 138 37.89 -1.40 40.67
CA SER A 138 39.24 -1.92 40.88
C SER A 138 40.28 -0.84 40.67
N SER A 139 41.43 -1.02 41.32
CA SER A 139 42.52 -0.06 41.19
C SER A 139 43.08 -0.02 39.77
N LYS A 140 43.10 -1.16 39.09
CA LYS A 140 43.56 -1.24 37.71
C LYS A 140 42.44 -1.06 36.70
N SER A 141 41.21 -0.82 37.16
CA SER A 141 40.06 -0.67 36.27
C SER A 141 40.07 0.73 35.68
N THR A 142 40.74 0.86 34.54
CA THR A 142 40.85 2.11 33.78
C THR A 142 41.39 3.25 34.65
N SER A 143 42.62 3.09 35.10
CA SER A 143 43.27 4.09 35.94
C SER A 143 43.74 5.25 35.07
N GLY A 144 43.22 6.45 35.35
CA GLY A 144 43.57 7.66 34.63
C GLY A 144 42.49 8.15 33.69
N GLY A 145 41.60 7.25 33.27
CA GLY A 145 40.52 7.64 32.37
C GLY A 145 39.16 7.59 33.02
N THR A 146 38.14 7.23 32.24
CA THR A 146 36.79 7.13 32.78
C THR A 146 36.62 5.83 33.54
N ALA A 147 35.92 5.90 34.67
CA ALA A 147 35.66 4.74 35.50
C ALA A 147 34.20 4.74 35.92
N ALA A 148 33.69 3.56 36.23
CA ALA A 148 32.30 3.39 36.62
C ALA A 148 32.19 3.17 38.11
N LEU A 149 31.33 3.95 38.76
CA LEU A 149 31.04 3.84 40.18
C LEU A 149 29.53 3.71 40.36
N GLY A 150 29.13 2.83 41.27
CA GLY A 150 27.71 2.62 41.52
C GLY A 150 27.48 2.08 42.91
N CYS A 151 26.20 1.95 43.25
CA CYS A 151 25.80 1.36 44.51
C CYS A 151 24.55 0.52 44.32
N LEU A 152 24.52 -0.62 44.98
CA LEU A 152 23.48 -1.64 44.82
C LEU A 152 22.59 -1.63 46.04
N VAL A 153 21.29 -1.46 45.82
CA VAL A 153 20.29 -1.64 46.87
C VAL A 153 19.46 -2.87 46.55
N LYS A 154 19.29 -3.73 47.55
CA LYS A 154 18.66 -5.02 47.37
C LYS A 154 17.67 -5.29 48.49
N ASP A 155 16.72 -6.18 48.21
CA ASP A 155 15.74 -6.68 49.17
C ASP A 155 14.91 -5.53 49.77
N TYR A 156 14.20 -4.83 48.91
CA TYR A 156 13.32 -3.75 49.33
C TYR A 156 11.94 -3.93 48.73
N PHE A 157 10.94 -3.42 49.44
CA PHE A 157 9.54 -3.54 49.07
C PHE A 157 8.77 -2.43 49.78
N PRO A 158 7.85 -1.73 49.10
CA PRO A 158 7.40 -1.92 47.72
C PRO A 158 8.27 -1.24 46.66
N GLU A 159 7.69 -1.04 45.48
CA GLU A 159 8.46 -0.59 44.32
C GLU A 159 9.08 0.80 44.45
N PRO A 160 8.35 1.87 44.82
CA PRO A 160 8.92 3.22 44.67
C PRO A 160 10.07 3.48 45.63
N VAL A 161 11.26 3.72 45.07
CA VAL A 161 12.43 4.11 45.83
C VAL A 161 13.26 5.04 44.94
N THR A 162 14.01 5.94 45.57
CA THR A 162 14.82 6.91 44.85
C THR A 162 16.25 6.85 45.36
N VAL A 163 17.18 7.24 44.49
CA VAL A 163 18.61 7.23 44.81
C VAL A 163 19.21 8.56 44.36
N SER A 164 20.01 9.16 45.25
CA SER A 164 20.65 10.44 44.97
C SER A 164 22.12 10.35 45.35
N TRP A 165 22.95 11.00 44.54
CA TRP A 165 24.39 11.05 44.74
C TRP A 165 24.76 12.40 45.34
N ASN A 166 25.30 12.39 46.56
CA ASN A 166 25.66 13.59 47.31
C ASN A 166 24.47 14.53 47.45
N SER A 167 23.32 13.95 47.85
CA SER A 167 22.05 14.66 47.96
C SER A 167 21.67 15.35 46.66
N GLY A 168 21.86 14.64 45.54
CA GLY A 168 21.47 15.16 44.25
C GLY A 168 22.50 16.07 43.59
N ALA A 169 23.72 16.14 44.12
CA ALA A 169 24.73 17.01 43.55
C ALA A 169 25.31 16.50 42.23
N LEU A 170 25.11 15.22 41.92
CA LEU A 170 25.65 14.63 40.70
C LEU A 170 24.52 14.46 39.68
N THR A 171 24.74 14.95 38.49
CA THR A 171 23.75 14.85 37.42
C THR A 171 24.32 14.28 36.13
N SER A 172 25.57 14.60 35.80
CA SER A 172 26.17 14.15 34.56
C SER A 172 26.54 12.68 34.64
N GLY A 173 26.18 11.92 33.61
CA GLY A 173 26.55 10.51 33.52
C GLY A 173 25.95 9.63 34.59
N VAL A 174 24.68 9.82 34.93
CA VAL A 174 24.00 9.05 35.96
C VAL A 174 22.96 8.17 35.28
N HIS A 175 23.06 6.86 35.49
CA HIS A 175 22.11 5.90 34.96
C HIS A 175 21.48 5.13 36.11
N THR A 176 20.16 5.13 36.17
CA THR A 176 19.41 4.33 37.13
C THR A 176 18.61 3.29 36.35
N PHE A 177 19.01 2.04 36.49
CA PHE A 177 18.37 0.95 35.77
C PHE A 177 16.95 0.73 36.29
N PRO A 178 16.08 0.13 35.50
CA PRO A 178 14.75 -0.26 36.01
C PRO A 178 14.88 -1.35 37.06
N ALA A 179 13.96 -1.33 38.02
CA ALA A 179 13.95 -2.33 39.07
C ALA A 179 13.48 -3.67 38.53
N VAL A 180 14.01 -4.75 39.10
CA VAL A 180 13.67 -6.10 38.68
C VAL A 180 13.24 -6.90 39.90
N LEU A 181 12.44 -7.94 39.65
CA LEU A 181 11.96 -8.82 40.69
C LEU A 181 12.87 -10.04 40.80
N GLN A 182 13.30 -10.34 42.02
CA GLN A 182 14.12 -11.51 42.27
C GLN A 182 13.23 -12.73 42.48
N SER A 183 13.87 -13.88 42.76
CA SER A 183 13.13 -15.10 43.00
C SER A 183 12.39 -15.10 44.33
N SER A 184 12.77 -14.23 45.26
CA SER A 184 12.14 -14.16 46.57
C SER A 184 11.01 -13.16 46.63
N GLY A 185 10.63 -12.56 45.51
CA GLY A 185 9.56 -11.57 45.49
C GLY A 185 9.96 -10.18 45.87
N LEU A 186 11.25 -9.93 46.14
CA LEU A 186 11.74 -8.61 46.49
C LEU A 186 12.37 -7.93 45.29
N TYR A 187 12.72 -6.67 45.46
CA TYR A 187 13.22 -5.84 44.38
C TYR A 187 14.70 -5.55 44.59
N SER A 188 15.42 -5.43 43.48
CA SER A 188 16.82 -5.04 43.48
C SER A 188 17.03 -3.95 42.44
N LEU A 189 17.74 -2.90 42.82
CA LEU A 189 17.90 -1.72 41.98
C LEU A 189 19.38 -1.39 41.83
N SER A 190 19.77 -0.94 40.64
CA SER A 190 21.15 -0.60 40.34
C SER A 190 21.21 0.84 39.84
N SER A 191 22.13 1.62 40.39
CA SER A 191 22.35 3.00 39.96
C SER A 191 23.84 3.25 39.92
N VAL A 192 24.34 3.70 38.76
CA VAL A 192 25.77 3.87 38.55
C VAL A 192 26.06 5.25 37.98
N VAL A 193 27.30 5.71 38.20
CA VAL A 193 27.78 6.98 37.66
C VAL A 193 29.13 6.73 36.99
N THR A 194 29.54 7.70 36.18
CA THR A 194 30.81 7.65 35.46
C THR A 194 31.62 8.88 35.83
N VAL A 195 32.55 8.72 36.77
CA VAL A 195 33.40 9.81 37.24
C VAL A 195 34.80 9.57 36.71
N PRO A 196 35.28 10.35 35.73
CA PRO A 196 36.61 10.09 35.15
C PRO A 196 37.77 10.56 36.02
N SER A 197 38.66 9.62 36.37
CA SER A 197 39.97 9.89 36.96
C SER A 197 39.91 10.70 38.25
N SER A 198 41.06 11.27 38.64
CA SER A 198 41.21 12.12 39.82
C SER A 198 40.83 11.39 41.12
N SER A 199 40.97 10.06 41.11
CA SER A 199 40.55 9.19 42.21
C SER A 199 39.10 9.48 42.61
N LEU A 200 38.24 9.52 41.59
CA LEU A 200 36.82 9.87 41.74
C LEU A 200 36.64 11.24 42.39
N GLY A 201 37.47 12.20 41.96
CA GLY A 201 37.42 13.55 42.50
C GLY A 201 37.99 13.71 43.88
N THR A 202 38.74 12.71 44.36
CA THR A 202 39.29 12.61 45.73
C THR A 202 38.35 13.15 46.81
N GLN A 203 37.07 12.75 46.71
CA GLN A 203 36.12 13.02 47.78
C GLN A 203 35.24 11.78 47.97
N THR A 204 34.68 11.66 49.17
CA THR A 204 33.87 10.50 49.52
C THR A 204 32.48 10.66 48.92
N TYR A 205 32.09 9.72 48.05
CA TYR A 205 30.77 9.69 47.46
C TYR A 205 29.80 8.96 48.39
N ILE A 206 28.53 9.37 48.33
CA ILE A 206 27.49 8.80 49.16
C ILE A 206 26.26 8.51 48.29
N CYS A 207 25.57 7.41 48.60
CA CYS A 207 24.28 7.11 48.02
C CYS A 207 23.20 7.30 49.08
N ASN A 208 22.45 8.39 48.98
CA ASN A 208 21.30 8.62 49.84
C ASN A 208 20.09 7.97 49.17
N VAL A 209 19.58 6.92 49.79
CA VAL A 209 18.41 6.20 49.30
C VAL A 209 17.26 6.43 50.26
N ASN A 210 16.10 6.78 49.71
CA ASN A 210 14.92 7.10 50.49
C ASN A 210 13.81 6.11 50.16
N HIS A 211 13.29 5.45 51.18
CA HIS A 211 12.17 4.52 51.05
C HIS A 211 11.08 4.98 52.01
N LYS A 212 10.05 5.63 51.45
CA LYS A 212 8.98 6.20 52.28
C LYS A 212 8.20 5.16 53.09
N PRO A 213 7.74 4.03 52.53
CA PRO A 213 7.03 3.06 53.38
C PRO A 213 7.88 2.46 54.49
N SER A 214 9.18 2.30 54.26
CA SER A 214 10.07 1.82 55.31
C SER A 214 10.68 2.95 56.13
N ASN A 215 10.33 4.20 55.82
CA ASN A 215 10.80 5.43 56.46
C ASN A 215 12.27 5.42 56.84
N THR A 216 13.11 4.91 55.95
CA THR A 216 14.53 4.75 56.21
C THR A 216 15.33 5.76 55.38
N LYS A 217 16.43 6.23 55.96
CA LYS A 217 17.32 7.22 55.35
C LYS A 217 18.76 6.77 55.48
N VAL A 218 19.02 5.51 55.14
CA VAL A 218 20.37 4.96 55.23
C VAL A 218 21.25 5.56 54.14
N ASP A 219 22.41 6.08 54.54
CA ASP A 219 23.35 6.72 53.63
C ASP A 219 24.65 5.90 53.64
N LYS A 220 24.93 5.23 52.53
CA LYS A 220 26.13 4.41 52.42
C LYS A 220 27.30 5.23 51.93
N LYS A 221 28.48 4.93 52.48
CA LYS A 221 29.72 5.58 52.09
C LYS A 221 30.54 4.63 51.22
N VAL A 222 30.98 5.09 50.06
CA VAL A 222 31.75 4.29 49.13
C VAL A 222 33.14 4.90 48.99
N GLU A 223 34.16 4.04 49.03
CA GLU A 223 35.54 4.46 48.84
C GLU A 223 36.22 3.51 47.86
N PRO A 224 37.13 4.02 47.04
CA PRO A 224 37.88 3.13 46.13
C PRO A 224 38.79 2.20 46.91
N LYS A 225 39.00 1.01 46.35
CA LYS A 225 39.85 0.01 46.99
C LYS A 225 41.32 0.25 46.67
N GLN B 7 30.00 -26.17 7.94
CA GLN B 7 29.81 -26.66 6.57
C GLN B 7 29.27 -25.57 5.67
N VAL B 8 29.41 -24.31 6.10
CA VAL B 8 28.96 -23.15 5.36
C VAL B 8 30.16 -22.26 5.08
N GLN B 9 30.35 -21.91 3.80
CA GLN B 9 31.45 -21.07 3.39
C GLN B 9 30.91 -19.75 2.84
N LEU B 10 31.68 -18.68 3.04
CA LEU B 10 31.28 -17.33 2.66
C LEU B 10 32.36 -16.71 1.77
N GLN B 11 31.95 -16.15 0.65
CA GLN B 11 32.85 -15.54 -0.31
C GLN B 11 32.50 -14.07 -0.48
N GLU B 12 33.52 -13.27 -0.82
CA GLU B 12 33.35 -11.84 -1.04
C GLU B 12 34.04 -11.44 -2.33
N SER B 13 33.59 -10.33 -2.90
CA SER B 13 34.15 -9.80 -4.13
C SER B 13 34.38 -8.30 -3.98
N GLY B 14 35.19 -7.75 -4.89
CA GLY B 14 35.54 -6.35 -4.88
C GLY B 14 36.90 -6.11 -4.25
N GLY B 15 37.44 -4.92 -4.52
CA GLY B 15 38.73 -4.56 -3.98
C GLY B 15 39.72 -4.11 -5.04
N GLY B 16 41.01 -4.37 -4.80
CA GLY B 16 42.05 -3.96 -5.72
C GLY B 16 42.53 -2.55 -5.44
N LEU B 17 43.58 -2.16 -6.17
CA LEU B 17 44.16 -0.83 -6.01
C LEU B 17 43.24 0.19 -6.68
N VAL B 18 42.67 1.08 -5.88
CA VAL B 18 41.73 2.09 -6.36
C VAL B 18 42.23 3.46 -5.94
N GLN B 19 42.01 4.45 -6.81
CA GLN B 19 42.49 5.80 -6.57
C GLN B 19 41.64 6.49 -5.50
N PRO B 20 42.20 7.50 -4.83
CA PRO B 20 41.41 8.29 -3.88
C PRO B 20 40.22 8.95 -4.56
N GLY B 21 39.12 9.05 -3.82
CA GLY B 21 37.89 9.65 -4.32
C GLY B 21 37.04 8.75 -5.18
N GLY B 22 37.43 7.50 -5.38
CA GLY B 22 36.67 6.60 -6.22
C GLY B 22 35.46 6.00 -5.52
N SER B 23 34.71 5.22 -6.28
CA SER B 23 33.52 4.54 -5.78
C SER B 23 33.60 3.06 -6.09
N LEU B 24 33.18 2.23 -5.14
CA LEU B 24 33.21 0.79 -5.31
C LEU B 24 31.89 0.19 -4.82
N ARG B 25 31.57 -0.98 -5.32
CA ARG B 25 30.40 -1.75 -4.91
C ARG B 25 30.88 -3.12 -4.48
N LEU B 26 31.02 -3.32 -3.17
CA LEU B 26 31.52 -4.56 -2.62
C LEU B 26 30.37 -5.51 -2.35
N SER B 27 30.53 -6.77 -2.75
CA SER B 27 29.49 -7.78 -2.61
C SER B 27 29.94 -8.86 -1.64
N CYS B 28 28.95 -9.51 -1.02
CA CYS B 28 29.18 -10.56 -0.03
C CYS B 28 28.15 -11.65 -0.28
N ALA B 29 28.57 -12.75 -0.89
CA ALA B 29 27.67 -13.83 -1.28
C ALA B 29 28.06 -15.11 -0.55
N ALA B 30 27.06 -15.76 0.04
CA ALA B 30 27.25 -17.05 0.71
C ALA B 30 26.74 -18.18 -0.17
N SER B 31 27.12 -19.40 0.21
CA SER B 31 26.70 -20.59 -0.52
C SER B 31 26.45 -21.72 0.46
N GLY B 32 25.49 -22.58 0.15
CA GLY B 32 25.17 -23.72 0.97
C GLY B 32 24.28 -23.44 2.16
N ARG B 33 23.71 -22.25 2.26
CA ARG B 33 22.85 -21.89 3.38
C ARG B 33 21.94 -20.74 2.96
N THR B 34 20.69 -20.77 3.44
CA THR B 34 19.73 -19.73 3.13
C THR B 34 20.14 -18.42 3.82
N ILE B 35 19.50 -17.33 3.39
CA ILE B 35 19.91 -15.99 3.80
C ILE B 35 18.72 -15.19 4.30
N SER B 36 17.51 -15.68 4.07
CA SER B 36 16.30 -14.92 4.38
C SER B 36 16.08 -14.74 5.87
N ARG B 37 16.71 -15.56 6.71
CA ARG B 37 16.55 -15.51 8.15
C ARG B 37 17.74 -14.91 8.87
N TYR B 38 18.95 -15.13 8.36
CA TYR B 38 20.17 -14.64 8.98
C TYR B 38 20.39 -13.16 8.63
N ALA B 39 21.46 -12.60 9.17
CA ALA B 39 21.89 -11.24 8.88
C ALA B 39 23.39 -11.23 8.63
N MET B 40 23.89 -10.10 8.12
CA MET B 40 25.33 -9.98 7.90
C MET B 40 25.81 -8.60 8.32
N SER B 41 27.09 -8.54 8.71
CA SER B 41 27.73 -7.33 9.22
C SER B 41 28.98 -7.06 8.40
N TRP B 42 29.11 -5.82 7.93
CA TRP B 42 30.35 -5.41 7.28
C TRP B 42 31.37 -5.02 8.35
N PHE B 43 32.56 -5.58 8.27
CA PHE B 43 33.65 -5.30 9.19
C PHE B 43 34.81 -4.64 8.45
N ARG B 44 35.87 -4.33 9.20
CA ARG B 44 37.03 -3.65 8.63
C ARG B 44 38.26 -3.96 9.48
N GLN B 45 39.31 -4.48 8.84
CA GLN B 45 40.59 -4.71 9.49
C GLN B 45 41.64 -3.82 8.87
N ALA B 46 42.32 -3.05 9.70
CA ALA B 46 43.32 -2.09 9.26
C ALA B 46 44.60 -2.26 10.07
N PRO B 47 45.74 -1.87 9.52
CA PRO B 47 46.96 -1.79 10.34
C PRO B 47 46.80 -0.78 11.46
N GLY B 48 47.35 -1.10 12.62
CA GLY B 48 47.22 -0.23 13.77
C GLY B 48 45.97 -0.52 14.59
N LYS B 49 44.80 -0.23 14.02
CA LYS B 49 43.53 -0.49 14.66
C LYS B 49 42.80 -1.59 13.88
N GLU B 50 42.42 -2.65 14.58
CA GLU B 50 41.94 -3.87 13.94
C GLU B 50 40.50 -4.17 14.32
N ARG B 51 39.77 -4.74 13.36
CA ARG B 51 38.44 -5.33 13.56
C ARG B 51 37.42 -4.30 14.06
N GLU B 52 37.16 -3.33 13.18
CA GLU B 52 36.10 -2.36 13.40
C GLU B 52 34.84 -2.76 12.63
N PHE B 53 33.74 -2.09 12.94
CA PHE B 53 32.42 -2.42 12.43
C PHE B 53 31.97 -1.35 11.45
N VAL B 54 31.22 -1.76 10.41
CA VAL B 54 30.79 -0.82 9.37
C VAL B 54 29.28 -0.73 9.26
N ALA B 55 28.62 -1.83 8.91
CA ALA B 55 27.21 -1.74 8.55
C ALA B 55 26.50 -3.08 8.73
N VAL B 56 25.17 -3.03 8.81
CA VAL B 56 24.31 -4.21 8.94
C VAL B 56 23.04 -3.99 8.10
N ALA B 57 22.64 -5.01 7.35
CA ALA B 57 21.34 -5.05 6.68
C ALA B 57 20.63 -6.32 7.15
N ARG B 58 19.54 -6.17 7.91
CA ARG B 58 19.00 -7.28 8.68
C ARG B 58 18.46 -8.45 7.87
N ARG B 59 17.28 -8.32 7.24
CA ARG B 59 16.90 -9.32 6.25
C ARG B 59 16.15 -8.72 5.06
N SER B 60 15.46 -7.59 5.28
CA SER B 60 14.55 -7.07 4.27
C SER B 60 14.57 -5.54 4.21
N GLY B 61 15.65 -4.92 4.66
CA GLY B 61 15.67 -3.47 4.75
C GLY B 61 14.91 -2.93 5.94
N ASP B 62 14.49 -3.77 6.88
CA ASP B 62 13.83 -3.30 8.09
C ASP B 62 14.77 -2.53 9.00
N GLY B 63 16.09 -2.66 8.81
CA GLY B 63 17.03 -1.88 9.57
C GLY B 63 18.40 -1.81 8.91
N ALA B 64 18.91 -0.59 8.76
CA ALA B 64 20.25 -0.33 8.23
C ALA B 64 21.00 0.49 9.27
N PHE B 65 22.06 -0.10 9.83
CA PHE B 65 22.77 0.49 10.97
C PHE B 65 24.22 0.73 10.58
N TYR B 66 24.68 1.96 10.76
CA TYR B 66 26.02 2.36 10.37
C TYR B 66 26.78 2.90 11.57
N ALA B 67 28.11 2.91 11.46
CA ALA B 67 28.98 3.32 12.54
C ALA B 67 29.14 4.84 12.53
N ASP B 68 30.03 5.36 13.37
CA ASP B 68 30.22 6.80 13.48
C ASP B 68 31.02 7.37 12.31
N SER B 69 31.76 6.52 11.61
CA SER B 69 32.63 6.97 10.53
C SER B 69 32.06 6.68 9.14
N VAL B 70 31.00 5.90 9.03
CA VAL B 70 30.53 5.43 7.73
C VAL B 70 29.05 5.75 7.53
N GLN B 71 28.53 6.71 8.29
CA GLN B 71 27.14 7.09 8.10
C GLN B 71 27.02 8.03 6.90
N GLY B 72 25.92 7.89 6.17
CA GLY B 72 25.69 8.73 5.01
C GLY B 72 26.34 8.23 3.74
N ARG B 73 27.66 8.00 3.79
CA ARG B 73 28.42 7.62 2.61
C ARG B 73 28.38 6.12 2.34
N PHE B 74 27.76 5.32 3.21
CA PHE B 74 27.66 3.87 3.04
C PHE B 74 26.19 3.50 2.99
N THR B 75 25.76 2.89 1.90
CA THR B 75 24.39 2.42 1.73
C THR B 75 24.43 0.95 1.38
N VAL B 76 23.63 0.15 2.08
CA VAL B 76 23.62 -1.29 1.90
C VAL B 76 22.29 -1.71 1.28
N SER B 77 22.36 -2.40 0.15
CA SER B 77 21.19 -2.97 -0.51
C SER B 77 21.28 -4.49 -0.46
N ARG B 78 20.13 -5.13 -0.36
CA ARG B 78 20.06 -6.57 -0.15
C ARG B 78 19.20 -7.24 -1.21
N ASP B 79 19.70 -8.35 -1.74
CA ASP B 79 19.00 -9.17 -2.73
C ASP B 79 19.00 -10.60 -2.22
N ASP B 80 17.90 -11.01 -1.60
CA ASP B 80 17.81 -12.36 -1.05
C ASP B 80 17.75 -13.44 -2.12
N ALA B 81 17.23 -13.11 -3.32
CA ALA B 81 17.13 -14.09 -4.39
C ALA B 81 18.51 -14.52 -4.87
N LYS B 82 19.43 -13.57 -5.01
CA LYS B 82 20.80 -13.87 -5.41
C LYS B 82 21.67 -14.29 -4.24
N ASN B 83 21.19 -14.12 -3.01
CA ASN B 83 21.95 -14.37 -1.79
C ASN B 83 23.24 -13.53 -1.84
N THR B 84 23.06 -12.21 -1.83
CA THR B 84 24.17 -11.27 -1.90
C THR B 84 23.69 -9.92 -1.36
N VAL B 85 24.54 -9.24 -0.61
CA VAL B 85 24.31 -7.85 -0.26
C VAL B 85 25.40 -6.99 -0.91
N TYR B 86 25.13 -5.70 -1.00
CA TYR B 86 26.05 -4.76 -1.65
C TYR B 86 26.38 -3.63 -0.70
N LEU B 87 27.65 -3.21 -0.73
CA LEU B 87 28.11 -2.07 0.05
C LEU B 87 28.54 -0.97 -0.90
N GLN B 88 28.01 0.22 -0.70
CA GLN B 88 28.27 1.36 -1.57
C GLN B 88 29.37 2.22 -0.98
N MET B 89 30.46 2.38 -1.72
CA MET B 89 31.54 3.26 -1.32
C MET B 89 31.31 4.67 -1.87
N ASN B 90 31.61 5.67 -1.05
CA ASN B 90 31.44 7.06 -1.43
C ASN B 90 32.41 7.90 -0.63
N SER B 91 32.97 8.93 -1.29
CA SER B 91 33.94 9.84 -0.69
C SER B 91 35.15 9.07 -0.13
N LEU B 92 35.85 8.40 -1.05
CA LEU B 92 36.96 7.52 -0.67
C LEU B 92 38.15 8.31 -0.15
N LYS B 93 38.23 8.46 1.16
CA LYS B 93 39.41 9.05 1.78
C LYS B 93 40.53 8.01 1.76
N PRO B 94 41.71 8.35 1.21
CA PRO B 94 42.79 7.34 1.10
C PRO B 94 43.41 6.94 2.43
N GLU B 95 42.94 7.49 3.54
CA GLU B 95 43.37 7.02 4.86
C GLU B 95 42.79 5.66 5.20
N ASP B 96 41.77 5.20 4.47
CA ASP B 96 41.11 3.93 4.75
C ASP B 96 41.78 2.80 3.98
N THR B 97 43.05 2.56 4.31
CA THR B 97 43.79 1.42 3.76
C THR B 97 43.52 0.23 4.66
N ALA B 98 42.40 -0.44 4.40
CA ALA B 98 41.92 -1.49 5.28
C ALA B 98 41.35 -2.64 4.47
N VAL B 99 41.29 -3.81 5.10
CA VAL B 99 40.72 -5.00 4.49
C VAL B 99 39.26 -5.09 4.96
N TYR B 100 38.34 -4.80 4.04
CA TYR B 100 36.93 -4.89 4.36
C TYR B 100 36.53 -6.35 4.56
N TYR B 101 35.59 -6.58 5.47
CA TYR B 101 35.27 -7.93 5.91
C TYR B 101 33.77 -8.10 6.02
N CYS B 102 33.29 -9.32 5.78
CA CYS B 102 31.88 -9.64 5.85
C CYS B 102 31.70 -10.88 6.73
N ALA B 103 30.76 -10.81 7.68
CA ALA B 103 30.52 -11.90 8.62
C ALA B 103 29.05 -12.27 8.60
N ILE B 104 28.75 -13.50 9.00
CA ILE B 104 27.38 -14.00 9.06
C ILE B 104 26.89 -13.94 10.50
N ASP B 105 25.63 -13.54 10.67
CA ASP B 105 25.01 -13.46 11.99
C ASP B 105 24.29 -14.78 12.27
N SER B 106 24.87 -15.61 13.13
CA SER B 106 24.35 -16.95 13.37
C SER B 106 23.29 -16.99 14.46
N ASP B 107 22.91 -15.85 15.02
CA ASP B 107 21.90 -15.77 16.07
C ASP B 107 20.60 -15.25 15.47
N THR B 108 19.49 -15.92 15.79
CA THR B 108 18.18 -15.56 15.28
C THR B 108 17.58 -14.34 15.98
N PHE B 109 18.12 -13.94 17.13
CA PHE B 109 17.63 -12.78 17.87
C PHE B 109 18.59 -11.59 17.77
N TYR B 110 19.50 -11.63 16.80
CA TYR B 110 20.38 -10.51 16.43
C TYR B 110 21.34 -10.12 17.55
N SER B 111 21.73 -11.09 18.37
CA SER B 111 22.74 -10.84 19.40
C SER B 111 24.12 -10.61 18.83
N GLY B 112 24.41 -11.10 17.63
CA GLY B 112 25.71 -10.93 17.02
C GLY B 112 26.66 -12.10 17.24
N SER B 113 26.10 -13.30 17.35
CA SER B 113 26.92 -14.50 17.48
C SER B 113 27.56 -14.80 16.14
N TYR B 114 28.88 -14.59 16.04
CA TYR B 114 29.58 -14.55 14.76
C TYR B 114 30.54 -15.74 14.73
N ASP B 115 30.18 -16.78 13.99
CA ASP B 115 30.92 -18.04 14.00
C ASP B 115 31.69 -18.28 12.72
N TYR B 116 31.01 -18.30 11.58
CA TYR B 116 31.68 -18.52 10.31
C TYR B 116 32.39 -17.24 9.86
N TRP B 117 33.61 -17.39 9.37
CA TRP B 117 34.50 -16.26 9.10
C TRP B 117 34.74 -16.04 7.62
N GLY B 118 35.25 -17.04 6.91
CA GLY B 118 35.62 -16.84 5.52
C GLY B 118 37.04 -16.30 5.38
N GLN B 119 37.25 -15.57 4.28
CA GLN B 119 38.55 -15.01 3.97
C GLN B 119 38.54 -13.48 3.96
N GLY B 120 37.61 -12.88 3.24
CA GLY B 120 37.56 -11.44 3.11
C GLY B 120 38.27 -10.93 1.87
N THR B 121 38.08 -9.64 1.59
CA THR B 121 38.66 -8.99 0.43
C THR B 121 39.44 -7.76 0.88
N GLN B 122 40.68 -7.65 0.39
CA GLN B 122 41.52 -6.52 0.73
C GLN B 122 41.27 -5.34 -0.19
N VAL B 123 41.43 -4.14 0.36
CA VAL B 123 41.28 -2.89 -0.39
C VAL B 123 42.48 -2.01 -0.06
N THR B 124 43.24 -1.63 -1.09
CA THR B 124 44.37 -0.73 -0.93
C THR B 124 44.12 0.52 -1.76
N VAL B 125 44.22 1.68 -1.12
CA VAL B 125 43.96 2.96 -1.76
C VAL B 125 45.24 3.78 -1.74
N SER B 126 45.69 4.21 -2.91
CA SER B 126 46.90 5.01 -3.09
C SER B 126 48.15 4.35 -2.49
N ASP C 1 -9.34 -15.63 20.83
CA ASP C 1 -9.49 -16.59 19.74
C ASP C 1 -9.03 -15.99 18.42
N ILE C 2 -9.38 -14.73 18.18
CA ILE C 2 -8.96 -14.04 16.96
C ILE C 2 -7.57 -13.47 17.25
N GLN C 3 -6.55 -14.24 16.92
CA GLN C 3 -5.18 -13.84 17.21
C GLN C 3 -4.71 -12.76 16.24
N MET C 4 -3.97 -11.79 16.76
CA MET C 4 -3.45 -10.67 15.97
C MET C 4 -1.93 -10.71 16.04
N THR C 5 -1.28 -10.70 14.87
CA THR C 5 0.17 -10.84 14.81
C THR C 5 0.79 -9.55 14.30
N GLN C 6 1.73 -9.01 15.08
CA GLN C 6 2.45 -7.78 14.76
C GLN C 6 3.94 -8.13 14.69
N SER C 7 4.40 -8.49 13.48
CA SER C 7 5.78 -8.95 13.31
C SER C 7 6.82 -7.87 13.63
N PRO C 8 6.74 -6.63 13.09
CA PRO C 8 7.84 -5.69 13.42
C PRO C 8 7.72 -5.14 14.84
N SER C 9 8.19 -5.92 15.80
CA SER C 9 8.05 -5.57 17.22
C SER C 9 8.97 -4.44 17.64
N SER C 10 9.89 -3.97 16.81
CA SER C 10 10.75 -2.84 17.17
C SER C 10 11.21 -2.17 15.89
N LEU C 11 10.77 -0.94 15.67
CA LEU C 11 11.21 -0.14 14.54
C LEU C 11 12.20 0.93 15.02
N SER C 12 13.04 1.37 14.09
CA SER C 12 14.07 2.35 14.41
C SER C 12 14.21 3.29 13.22
N ALA C 13 13.68 4.50 13.36
CA ALA C 13 13.70 5.47 12.29
C ALA C 13 14.14 6.83 12.83
N SER C 14 14.94 7.54 12.02
CA SER C 14 15.39 8.86 12.39
C SER C 14 14.26 9.87 12.21
N VAL C 15 14.46 11.06 12.79
CA VAL C 15 13.44 12.10 12.74
C VAL C 15 13.29 12.59 11.31
N GLY C 16 12.08 12.48 10.77
CA GLY C 16 11.80 12.83 9.40
C GLY C 16 11.77 11.67 8.42
N ASP C 17 11.86 10.44 8.90
CA ASP C 17 11.87 9.25 8.05
C ASP C 17 10.45 8.68 7.97
N ARG C 18 10.34 7.56 7.27
CA ARG C 18 9.05 6.90 7.07
C ARG C 18 8.91 5.71 8.00
N VAL C 19 7.76 5.61 8.66
CA VAL C 19 7.46 4.51 9.57
C VAL C 19 6.21 3.80 9.07
N THR C 20 6.31 2.49 8.90
CA THR C 20 5.17 1.67 8.52
C THR C 20 5.06 0.49 9.49
N ILE C 21 3.82 0.18 9.88
CA ILE C 21 3.52 -0.88 10.83
C ILE C 21 2.45 -1.77 10.23
N THR C 22 2.69 -3.08 10.21
CA THR C 22 1.80 -4.03 9.57
C THR C 22 1.17 -4.95 10.61
N CYS C 23 -0.15 -5.12 10.52
CA CYS C 23 -0.90 -5.95 11.46
C CYS C 23 -1.70 -6.97 10.66
N ARG C 24 -1.71 -8.23 11.12
CA ARG C 24 -2.36 -9.32 10.41
C ARG C 24 -3.34 -10.01 11.35
N ALA C 25 -4.52 -10.34 10.82
CA ALA C 25 -5.58 -10.97 11.60
C ALA C 25 -5.69 -12.44 11.24
N SER C 26 -6.07 -13.27 12.22
CA SER C 26 -6.28 -14.68 11.93
C SER C 26 -7.53 -14.89 11.08
N GLN C 27 -8.64 -14.27 11.47
CA GLN C 27 -9.88 -14.35 10.72
C GLN C 27 -10.04 -13.15 9.81
N SER C 28 -11.06 -13.21 8.95
CA SER C 28 -11.38 -12.11 8.04
C SER C 28 -12.30 -11.12 8.76
N VAL C 29 -11.68 -10.42 9.73
CA VAL C 29 -12.38 -9.34 10.43
C VAL C 29 -12.69 -8.22 9.44
N SER C 30 -13.84 -7.57 9.65
CA SER C 30 -14.21 -6.45 8.80
C SER C 30 -13.29 -5.26 9.06
N SER C 31 -13.56 -4.15 8.37
CA SER C 31 -12.71 -2.96 8.51
C SER C 31 -12.99 -2.27 9.84
N ALA C 32 -12.70 -3.02 10.92
CA ALA C 32 -12.84 -2.53 12.29
C ALA C 32 -11.54 -2.87 13.02
N VAL C 33 -10.54 -2.02 12.85
CA VAL C 33 -9.35 -2.08 13.68
C VAL C 33 -9.03 -0.67 14.19
N ALA C 34 -8.29 -0.62 15.28
CA ALA C 34 -7.96 0.64 15.95
C ALA C 34 -6.47 0.67 16.24
N TRP C 35 -5.84 1.81 15.96
CA TRP C 35 -4.41 2.01 16.20
C TRP C 35 -4.26 3.02 17.34
N TYR C 36 -3.44 2.67 18.32
CA TYR C 36 -3.21 3.49 19.49
C TYR C 36 -1.76 3.95 19.58
N GLN C 37 -1.53 4.89 20.50
CA GLN C 37 -0.20 5.41 20.79
C GLN C 37 -0.10 5.56 22.30
N GLN C 38 0.86 4.86 22.90
CA GLN C 38 1.02 4.87 24.35
C GLN C 38 2.43 5.34 24.68
N LYS C 39 2.52 6.56 25.20
CA LYS C 39 3.79 7.03 25.75
C LYS C 39 4.08 6.27 27.04
N PRO C 40 5.36 6.10 27.39
CA PRO C 40 5.70 5.34 28.60
C PRO C 40 5.21 6.01 29.88
N GLY C 41 4.28 5.35 30.57
CA GLY C 41 3.73 5.86 31.80
C GLY C 41 2.37 6.52 31.70
N LYS C 42 1.81 6.61 30.49
CA LYS C 42 0.53 7.28 30.28
C LYS C 42 -0.44 6.35 29.58
N ALA C 43 -1.73 6.73 29.61
CA ALA C 43 -2.77 5.93 29.01
C ALA C 43 -2.67 5.98 27.49
N PRO C 44 -3.11 4.92 26.80
CA PRO C 44 -3.10 4.94 25.34
C PRO C 44 -4.08 5.95 24.77
N LYS C 45 -3.75 6.45 23.58
CA LYS C 45 -4.56 7.46 22.89
C LYS C 45 -4.87 6.96 21.50
N LEU C 46 -6.15 7.06 21.10
CA LEU C 46 -6.59 6.51 19.82
C LEU C 46 -6.09 7.38 18.67
N LEU C 47 -5.68 6.72 17.59
CA LEU C 47 -5.20 7.39 16.39
C LEU C 47 -6.07 7.11 15.18
N ILE C 48 -6.32 5.85 14.86
CA ILE C 48 -7.07 5.44 13.68
C ILE C 48 -8.21 4.54 14.13
N TYR C 49 -9.41 4.81 13.64
CA TYR C 49 -10.55 3.95 13.87
C TYR C 49 -11.18 3.58 12.53
N SER C 50 -11.88 2.44 12.53
CA SER C 50 -12.53 1.85 11.36
C SER C 50 -11.53 1.50 10.25
N ALA C 51 -10.26 1.32 10.61
CA ALA C 51 -9.18 0.82 9.77
C ALA C 51 -8.78 1.75 8.64
N SER C 52 -9.53 2.83 8.44
CA SER C 52 -9.17 3.85 7.45
C SER C 52 -9.41 5.27 7.92
N SER C 53 -10.29 5.51 8.89
CA SER C 53 -10.67 6.86 9.28
C SER C 53 -9.71 7.41 10.31
N LEU C 54 -9.59 8.73 10.30
CA LEU C 54 -8.62 9.45 11.12
C LEU C 54 -9.34 10.15 12.25
N TYR C 55 -8.87 9.94 13.48
CA TYR C 55 -9.53 10.49 14.65
C TYR C 55 -9.33 12.01 14.71
N SER C 56 -10.33 12.69 15.27
CA SER C 56 -10.27 14.13 15.40
C SER C 56 -9.38 14.53 16.58
N GLY C 57 -8.33 15.30 16.29
CA GLY C 57 -7.40 15.72 17.32
C GLY C 57 -5.98 15.37 17.00
N VAL C 58 -5.77 14.22 16.37
CA VAL C 58 -4.43 13.76 16.00
C VAL C 58 -4.03 14.42 14.68
N PRO C 59 -2.74 14.56 14.40
CA PRO C 59 -2.31 15.13 13.12
C PRO C 59 -2.67 14.21 11.96
N SER C 60 -2.65 14.81 10.76
CA SER C 60 -3.08 14.13 9.55
C SER C 60 -1.98 13.28 8.93
N ARG C 61 -0.81 13.20 9.57
CA ARG C 61 0.27 12.37 9.03
C ARG C 61 -0.03 10.88 9.18
N PHE C 62 -0.87 10.51 10.14
CA PHE C 62 -1.24 9.11 10.30
C PHE C 62 -2.21 8.69 9.21
N SER C 63 -2.04 7.45 8.74
CA SER C 63 -2.89 6.90 7.69
C SER C 63 -3.31 5.48 8.05
N GLY C 64 -4.51 5.11 7.63
CA GLY C 64 -5.02 3.77 7.88
C GLY C 64 -5.39 3.07 6.59
N SER C 65 -4.93 1.83 6.44
CA SER C 65 -5.14 1.08 5.21
C SER C 65 -5.66 -0.31 5.53
N ARG C 66 -6.36 -0.89 4.56
CA ARG C 66 -6.86 -2.26 4.70
C ARG C 66 -6.98 -2.86 3.31
N SER C 67 -6.31 -3.99 3.09
CA SER C 67 -6.42 -4.70 1.82
C SER C 67 -6.58 -6.19 2.17
N GLY C 68 -7.82 -6.62 2.31
CA GLY C 68 -8.11 -7.99 2.71
C GLY C 68 -8.09 -8.15 4.21
N THR C 69 -7.17 -8.97 4.70
CA THR C 69 -7.03 -9.25 6.13
C THR C 69 -5.84 -8.48 6.72
N ASP C 70 -5.14 -7.71 5.89
CA ASP C 70 -3.94 -7.00 6.29
C ASP C 70 -4.30 -5.56 6.61
N PHE C 71 -3.70 -5.03 7.68
CA PHE C 71 -3.90 -3.65 8.11
C PHE C 71 -2.54 -2.99 8.30
N THR C 72 -2.44 -1.72 7.90
CA THR C 72 -1.17 -1.02 7.89
C THR C 72 -1.34 0.40 8.43
N LEU C 73 -0.57 0.74 9.45
CA LEU C 73 -0.45 2.10 9.94
C LEU C 73 0.86 2.68 9.40
N THR C 74 0.77 3.81 8.71
CA THR C 74 1.93 4.43 8.09
C THR C 74 2.08 5.86 8.60
N ILE C 75 3.28 6.18 9.09
CA ILE C 75 3.60 7.54 9.54
C ILE C 75 4.68 8.09 8.62
N SER C 76 4.29 8.94 7.68
CA SER C 76 5.24 9.42 6.67
C SER C 76 6.22 10.43 7.25
N SER C 77 5.74 11.33 8.11
CA SER C 77 6.58 12.34 8.74
C SER C 77 6.72 12.01 10.21
N LEU C 78 7.95 11.77 10.66
CA LEU C 78 8.21 11.38 12.05
C LEU C 78 8.65 12.61 12.83
N GLN C 79 7.75 13.12 13.66
CA GLN C 79 8.07 14.20 14.59
C GLN C 79 8.67 13.64 15.86
N PRO C 80 9.39 14.46 16.64
CA PRO C 80 9.94 13.98 17.92
C PRO C 80 8.89 13.56 18.93
N GLU C 81 7.63 13.96 18.76
CA GLU C 81 6.57 13.53 19.66
C GLU C 81 5.99 12.17 19.31
N ASP C 82 6.33 11.63 18.14
CA ASP C 82 5.84 10.30 17.73
C ASP C 82 6.86 9.22 18.09
N PHE C 83 7.25 9.20 19.36
CA PHE C 83 8.18 8.19 19.89
C PHE C 83 7.45 7.48 21.02
N ALA C 84 6.69 6.44 20.67
CA ALA C 84 5.90 5.70 21.64
C ALA C 84 5.61 4.32 21.07
N THR C 85 4.86 3.53 21.84
CA THR C 85 4.50 2.17 21.44
C THR C 85 3.10 2.19 20.81
N TYR C 86 2.98 1.57 19.65
CA TYR C 86 1.75 1.58 18.87
C TYR C 86 1.13 0.19 18.92
N TYR C 87 -0.16 0.12 19.23
CA TYR C 87 -0.87 -1.13 19.44
C TYR C 87 -1.99 -1.31 18.41
N CYS C 88 -2.15 -2.55 17.98
CA CYS C 88 -3.14 -2.92 16.98
C CYS C 88 -4.29 -3.66 17.68
N GLN C 89 -5.50 -3.17 17.47
CA GLN C 89 -6.70 -3.73 18.11
C GLN C 89 -7.76 -3.96 17.05
N GLN C 90 -8.22 -5.20 16.92
CA GLN C 90 -9.47 -5.44 16.22
C GLN C 90 -10.63 -5.30 17.19
N TYR C 91 -11.77 -4.86 16.66
CA TYR C 91 -12.98 -4.75 17.47
C TYR C 91 -14.17 -5.19 16.63
N LEU C 92 -14.49 -6.47 16.69
CA LEU C 92 -15.68 -7.01 16.04
C LEU C 92 -16.86 -7.12 16.98
N TYR C 93 -16.62 -7.46 18.24
CA TYR C 93 -17.64 -7.57 19.25
C TYR C 93 -17.04 -7.08 20.56
N TYR C 94 -17.92 -6.82 21.54
CA TYR C 94 -17.46 -6.31 22.83
C TYR C 94 -16.55 -7.30 23.54
N SER C 95 -16.86 -8.60 23.44
CA SER C 95 -16.14 -9.64 24.17
C SER C 95 -15.10 -10.35 23.31
N LEU C 96 -14.82 -9.84 22.12
CA LEU C 96 -13.82 -10.43 21.23
C LEU C 96 -12.64 -9.48 21.05
N VAL C 97 -12.32 -8.70 22.08
CA VAL C 97 -11.25 -7.71 22.02
C VAL C 97 -9.91 -8.41 22.15
N THR C 98 -9.05 -8.25 21.15
CA THR C 98 -7.71 -8.80 21.16
C THR C 98 -6.75 -7.72 20.68
N PHE C 99 -5.70 -7.47 21.45
CA PHE C 99 -4.69 -6.50 21.10
C PHE C 99 -3.50 -7.21 20.45
N GLY C 100 -2.67 -6.43 19.76
CA GLY C 100 -1.42 -6.93 19.23
C GLY C 100 -0.31 -6.87 20.27
N GLN C 101 0.86 -7.34 19.86
CA GLN C 101 2.02 -7.30 20.75
C GLN C 101 2.56 -5.89 20.90
N GLY C 102 2.36 -5.02 19.91
CA GLY C 102 2.82 -3.66 19.99
C GLY C 102 4.21 -3.44 19.41
N THR C 103 4.43 -2.29 18.79
CA THR C 103 5.70 -1.96 18.17
C THR C 103 6.31 -0.75 18.85
N LYS C 104 7.59 -0.87 19.21
CA LYS C 104 8.32 0.23 19.81
C LYS C 104 9.03 1.03 18.71
N VAL C 105 8.91 2.36 18.79
CA VAL C 105 9.57 3.26 17.85
C VAL C 105 10.66 4.01 18.61
N GLU C 106 11.90 3.89 18.14
CA GLU C 106 13.03 4.49 18.83
C GLU C 106 13.86 5.29 17.83
N ILE C 107 14.70 6.17 18.37
CA ILE C 107 15.50 7.05 17.53
C ILE C 107 16.64 6.25 16.90
N LYS C 108 16.78 6.36 15.58
CA LYS C 108 17.90 5.78 14.86
C LYS C 108 19.14 6.66 15.03
N ARG C 109 20.27 6.04 15.32
CA ARG C 109 21.53 6.76 15.39
C ARG C 109 22.66 5.80 14.98
N THR C 110 23.90 6.24 15.17
CA THR C 110 25.07 5.46 14.82
C THR C 110 25.29 4.34 15.83
N VAL C 111 26.07 3.35 15.43
CA VAL C 111 26.36 2.18 16.26
C VAL C 111 27.58 2.48 17.11
N ALA C 112 27.48 2.21 18.41
CA ALA C 112 28.57 2.44 19.35
C ALA C 112 28.90 1.14 20.07
N ALA C 113 30.19 0.87 20.20
CA ALA C 113 30.63 -0.32 20.93
C ALA C 113 30.46 -0.09 22.43
N PRO C 114 29.87 -1.05 23.15
CA PRO C 114 29.69 -0.89 24.60
C PRO C 114 31.01 -0.98 25.35
N SER C 115 31.01 -0.34 26.52
CA SER C 115 32.12 -0.43 27.47
C SER C 115 31.69 -1.33 28.62
N VAL C 116 32.52 -2.31 28.94
CA VAL C 116 32.17 -3.38 29.87
C VAL C 116 32.97 -3.21 31.15
N PHE C 117 32.27 -3.21 32.29
CA PHE C 117 32.89 -3.12 33.60
C PHE C 117 32.31 -4.20 34.50
N ILE C 118 33.17 -4.78 35.34
CA ILE C 118 32.76 -5.79 36.32
C ILE C 118 33.20 -5.33 37.70
N PHE C 119 32.34 -5.55 38.69
CA PHE C 119 32.60 -5.15 40.05
C PHE C 119 32.58 -6.35 40.98
N PRO C 120 33.61 -6.55 41.79
CA PRO C 120 33.57 -7.64 42.76
C PRO C 120 32.57 -7.33 43.87
N PRO C 121 32.03 -8.35 44.52
CA PRO C 121 31.13 -8.09 45.65
C PRO C 121 31.84 -7.41 46.81
N SER C 122 31.08 -6.60 47.53
CA SER C 122 31.62 -5.83 48.64
C SER C 122 31.88 -6.73 49.86
N ASP C 123 32.69 -6.22 50.78
CA ASP C 123 32.99 -6.96 52.00
C ASP C 123 31.79 -7.07 52.92
N SER C 124 30.80 -6.18 52.79
CA SER C 124 29.61 -6.28 53.61
C SER C 124 28.66 -7.38 53.13
N GLN C 125 28.81 -7.82 51.88
CA GLN C 125 27.92 -8.87 51.37
C GLN C 125 28.31 -10.24 51.91
N LEU C 126 29.62 -10.50 52.07
CA LEU C 126 30.04 -11.80 52.58
C LEU C 126 29.66 -11.99 54.04
N LYS C 127 29.52 -10.90 54.79
CA LYS C 127 29.03 -10.98 56.16
C LYS C 127 27.55 -11.28 56.23
N SER C 128 26.79 -10.99 55.18
CA SER C 128 25.37 -11.29 55.12
C SER C 128 25.07 -12.67 54.57
N GLY C 129 26.07 -13.39 54.08
CA GLY C 129 25.89 -14.72 53.56
C GLY C 129 25.51 -14.79 52.10
N THR C 130 25.24 -13.66 51.45
CA THR C 130 24.87 -13.61 50.04
C THR C 130 25.83 -12.71 49.31
N ALA C 131 26.48 -13.24 48.27
CA ALA C 131 27.45 -12.51 47.48
C ALA C 131 26.88 -12.30 46.08
N SER C 132 26.96 -11.06 45.59
CA SER C 132 26.39 -10.69 44.30
C SER C 132 27.45 -9.99 43.47
N VAL C 133 27.59 -10.42 42.22
CA VAL C 133 28.55 -9.83 41.29
C VAL C 133 27.76 -9.26 40.10
N VAL C 134 28.21 -8.11 39.61
CA VAL C 134 27.51 -7.37 38.58
C VAL C 134 28.47 -7.05 37.44
N CYS C 135 27.96 -7.14 36.21
CA CYS C 135 28.72 -6.80 35.01
C CYS C 135 27.81 -5.97 34.12
N LEU C 136 28.19 -4.70 33.89
CA LEU C 136 27.30 -3.77 33.23
C LEU C 136 27.92 -3.27 31.92
N LEU C 137 27.04 -2.98 30.97
CA LEU C 137 27.40 -2.33 29.71
C LEU C 137 27.16 -0.84 29.84
N ASN C 138 27.60 -0.10 28.82
CA ASN C 138 27.47 1.35 28.85
C ASN C 138 27.59 1.90 27.44
N ASN C 139 26.64 2.76 27.06
CA ASN C 139 26.68 3.54 25.83
C ASN C 139 26.76 2.65 24.58
N PHE C 140 25.71 1.85 24.38
CA PHE C 140 25.57 1.04 23.18
C PHE C 140 24.18 1.26 22.60
N TYR C 141 24.10 1.52 21.30
CA TYR C 141 22.79 1.84 20.75
C TYR C 141 21.93 0.60 20.45
N PRO C 142 22.38 -0.40 19.69
CA PRO C 142 21.49 -1.54 19.42
C PRO C 142 21.25 -2.34 20.68
N ARG C 143 19.98 -2.46 21.07
CA ARG C 143 19.63 -3.09 22.34
C ARG C 143 20.00 -4.56 22.37
N GLU C 144 20.03 -5.20 21.21
CA GLU C 144 20.30 -6.63 21.12
C GLU C 144 21.77 -6.88 21.46
N ALA C 145 22.02 -7.27 22.69
CA ALA C 145 23.36 -7.62 23.16
C ALA C 145 23.23 -8.63 24.27
N LYS C 146 23.98 -9.72 24.17
CA LYS C 146 23.88 -10.81 25.13
C LYS C 146 25.17 -10.91 25.94
N VAL C 147 25.03 -11.40 27.17
CA VAL C 147 26.15 -11.64 28.05
C VAL C 147 26.04 -13.06 28.58
N GLN C 148 27.20 -13.62 28.94
CA GLN C 148 27.25 -14.93 29.59
C GLN C 148 28.21 -14.86 30.76
N TRP C 149 27.90 -15.60 31.80
CA TRP C 149 28.71 -15.65 33.01
C TRP C 149 29.52 -16.95 33.00
N LYS C 150 30.84 -16.82 33.03
CA LYS C 150 31.74 -17.96 33.00
C LYS C 150 32.58 -17.97 34.27
N VAL C 151 32.48 -19.06 35.03
CA VAL C 151 33.31 -19.25 36.21
C VAL C 151 34.24 -20.42 35.95
N ASP C 152 35.47 -20.12 35.51
CA ASP C 152 36.44 -21.10 35.03
C ASP C 152 35.84 -21.96 33.92
N ASN C 153 35.38 -21.26 32.87
CA ASN C 153 34.82 -21.87 31.67
C ASN C 153 33.61 -22.75 31.98
N ALA C 154 32.76 -22.27 32.91
CA ALA C 154 31.50 -22.93 33.23
C ALA C 154 30.35 -22.02 32.79
N LEU C 155 29.48 -22.53 31.94
CA LEU C 155 28.38 -21.74 31.39
C LEU C 155 27.21 -21.80 32.36
N GLN C 156 27.01 -20.72 33.11
CA GLN C 156 25.91 -20.66 34.07
C GLN C 156 24.62 -20.23 33.40
N SER C 157 23.50 -20.57 34.04
CA SER C 157 22.18 -20.22 33.54
C SER C 157 21.21 -20.23 34.71
N GLY C 158 20.23 -19.33 34.66
CA GLY C 158 19.19 -19.27 35.67
C GLY C 158 19.52 -18.43 36.89
N ASN C 159 20.79 -18.08 37.10
CA ASN C 159 21.20 -17.27 38.23
C ASN C 159 21.53 -15.84 37.85
N SER C 160 21.27 -15.43 36.60
CA SER C 160 21.58 -14.10 36.11
C SER C 160 20.30 -13.37 35.73
N GLN C 161 20.18 -12.13 36.18
CA GLN C 161 19.04 -11.27 35.87
C GLN C 161 19.54 -10.02 35.17
N GLU C 162 18.87 -9.62 34.10
CA GLU C 162 19.29 -8.49 33.27
C GLU C 162 18.29 -7.35 33.38
N SER C 163 18.79 -6.12 33.31
CA SER C 163 17.96 -4.92 33.31
C SER C 163 18.56 -3.91 32.34
N VAL C 164 17.72 -3.36 31.47
CA VAL C 164 18.16 -2.41 30.46
C VAL C 164 17.35 -1.13 30.61
N THR C 165 18.01 0.01 30.46
CA THR C 165 17.35 1.29 30.61
C THR C 165 16.61 1.67 29.33
N GLU C 166 15.80 2.71 29.43
CA GLU C 166 15.19 3.31 28.26
C GLU C 166 16.22 4.14 27.51
N GLN C 167 15.83 4.64 26.35
CA GLN C 167 16.75 5.40 25.51
C GLN C 167 17.08 6.73 26.17
N ASP C 168 18.37 7.04 26.24
CA ASP C 168 18.82 8.27 26.87
C ASP C 168 18.40 9.48 26.06
N SER C 169 18.11 10.58 26.76
CA SER C 169 17.64 11.79 26.10
C SER C 169 18.75 12.52 25.37
N LYS C 170 19.99 12.43 25.85
CA LYS C 170 21.10 13.21 25.29
C LYS C 170 21.72 12.52 24.08
N ASP C 171 22.22 11.31 24.26
CA ASP C 171 22.97 10.61 23.23
C ASP C 171 22.27 9.39 22.66
N SER C 172 21.02 9.13 23.07
CA SER C 172 20.21 8.03 22.56
C SER C 172 20.91 6.68 22.71
N THR C 173 21.22 6.33 23.96
CA THR C 173 21.98 5.14 24.28
C THR C 173 21.24 4.31 25.30
N TYR C 174 21.58 3.03 25.34
CA TYR C 174 21.07 2.11 26.34
C TYR C 174 22.19 1.77 27.34
N SER C 175 21.81 1.09 28.41
CA SER C 175 22.77 0.61 29.40
C SER C 175 22.19 -0.63 30.05
N LEU C 176 22.92 -1.73 29.97
CA LEU C 176 22.46 -3.02 30.47
C LEU C 176 23.28 -3.42 31.69
N SER C 177 22.61 -3.99 32.68
CA SER C 177 23.26 -4.47 33.89
C SER C 177 22.83 -5.90 34.17
N SER C 178 23.80 -6.76 34.43
CA SER C 178 23.56 -8.17 34.69
C SER C 178 24.02 -8.50 36.11
N THR C 179 23.12 -9.10 36.89
CA THR C 179 23.37 -9.40 38.29
C THR C 179 23.38 -10.91 38.49
N LEU C 180 24.47 -11.41 39.06
CA LEU C 180 24.61 -12.82 39.42
C LEU C 180 24.67 -12.92 40.93
N THR C 181 23.82 -13.77 41.51
CA THR C 181 23.74 -13.94 42.95
C THR C 181 24.18 -15.34 43.34
N LEU C 182 25.06 -15.42 44.35
CA LEU C 182 25.51 -16.68 44.91
C LEU C 182 25.41 -16.64 46.42
N SER C 183 25.36 -17.82 47.02
CA SER C 183 25.38 -17.92 48.47
C SER C 183 26.84 -17.83 48.96
N LYS C 184 27.01 -17.87 50.29
CA LYS C 184 28.34 -17.71 50.87
C LYS C 184 29.25 -18.89 50.50
N ALA C 185 28.78 -20.12 50.71
CA ALA C 185 29.60 -21.28 50.40
C ALA C 185 29.75 -21.47 48.90
N ASP C 186 28.78 -21.01 48.12
CA ASP C 186 28.84 -21.16 46.67
C ASP C 186 29.82 -20.15 46.08
N TYR C 187 29.92 -18.95 46.68
CA TYR C 187 30.88 -17.95 46.23
C TYR C 187 32.33 -18.40 46.41
N GLU C 188 32.61 -19.31 47.34
CA GLU C 188 33.98 -19.73 47.58
C GLU C 188 34.52 -20.69 46.52
N LYS C 189 33.69 -21.18 45.62
CA LYS C 189 34.16 -22.11 44.61
C LYS C 189 34.94 -21.38 43.52
N HIS C 190 35.89 -22.11 42.92
CA HIS C 190 36.76 -21.61 41.85
C HIS C 190 37.56 -20.37 42.26
N LYS C 191 38.13 -19.67 41.29
CA LYS C 191 39.08 -18.61 41.62
C LYS C 191 38.77 -17.32 40.87
N VAL C 192 38.14 -17.41 39.69
CA VAL C 192 37.87 -16.24 38.88
C VAL C 192 36.40 -16.24 38.46
N TYR C 193 35.90 -15.03 38.23
CA TYR C 193 34.57 -14.81 37.66
C TYR C 193 34.71 -13.88 36.47
N ALA C 194 34.15 -14.27 35.33
CA ALA C 194 34.29 -13.50 34.10
C ALA C 194 32.93 -13.34 33.42
N CYS C 195 32.75 -12.19 32.77
CA CYS C 195 31.58 -11.91 31.97
C CYS C 195 32.02 -11.55 30.57
N GLU C 196 31.46 -12.23 29.58
CA GLU C 196 31.76 -11.97 28.18
C GLU C 196 30.53 -11.39 27.49
N VAL C 197 30.73 -10.35 26.69
CA VAL C 197 29.65 -9.62 26.06
C VAL C 197 29.80 -9.71 24.55
N THR C 198 28.73 -10.11 23.88
CA THR C 198 28.70 -10.22 22.43
C THR C 198 27.72 -9.19 21.87
N HIS C 199 28.20 -8.37 20.93
CA HIS C 199 27.39 -7.31 20.36
C HIS C 199 27.69 -7.21 18.87
N GLN C 200 26.75 -6.60 18.14
CA GLN C 200 26.96 -6.41 16.70
C GLN C 200 28.06 -5.41 16.42
N GLY C 201 28.26 -4.43 17.32
CA GLY C 201 29.35 -3.49 17.17
C GLY C 201 30.70 -4.01 17.64
N LEU C 202 30.73 -5.18 18.27
CA LEU C 202 31.96 -5.79 18.74
C LEU C 202 32.30 -6.97 17.83
N SER C 203 33.50 -6.93 17.23
CA SER C 203 33.94 -8.03 16.37
C SER C 203 34.13 -9.32 17.16
N SER C 204 34.73 -9.22 18.34
CA SER C 204 34.98 -10.37 19.20
C SER C 204 34.44 -10.09 20.59
N PRO C 205 34.01 -11.11 21.31
CA PRO C 205 33.51 -10.91 22.68
C PRO C 205 34.58 -10.33 23.60
N VAL C 206 34.15 -9.44 24.47
CA VAL C 206 35.04 -8.76 25.41
C VAL C 206 34.89 -9.43 26.77
N THR C 207 36.00 -9.92 27.32
CA THR C 207 36.00 -10.67 28.56
C THR C 207 36.68 -9.85 29.66
N LYS C 208 35.95 -9.61 30.74
CA LYS C 208 36.49 -8.93 31.92
C LYS C 208 36.37 -9.88 33.10
N SER C 209 37.49 -10.10 33.79
CA SER C 209 37.55 -11.07 34.87
C SER C 209 38.29 -10.48 36.06
N PHE C 210 38.01 -11.03 37.24
CA PHE C 210 38.71 -10.69 38.46
C PHE C 210 38.94 -11.95 39.27
N ASN C 211 40.05 -12.00 39.99
CA ASN C 211 40.41 -13.16 40.79
C ASN C 211 39.83 -13.05 42.19
N ARG C 212 39.61 -14.21 42.81
CA ARG C 212 39.10 -14.27 44.17
C ARG C 212 40.17 -14.80 45.11
N ILE D 180 16.06 25.27 -62.60
CA ILE D 180 14.82 25.30 -63.37
C ILE D 180 13.62 25.23 -62.44
N GLY D 181 13.44 24.08 -61.79
CA GLY D 181 12.33 23.89 -60.88
C GLY D 181 11.34 22.85 -61.35
N PHE D 182 10.07 23.05 -61.03
CA PHE D 182 9.00 22.15 -61.43
C PHE D 182 8.22 22.76 -62.58
N TRP D 183 7.59 21.90 -63.38
CA TRP D 183 6.87 22.35 -64.56
C TRP D 183 5.66 21.47 -64.81
N CYS D 184 4.68 22.03 -65.51
CA CYS D 184 3.52 21.31 -65.99
C CYS D 184 3.43 21.46 -67.50
N PRO D 185 3.14 20.39 -68.24
CA PRO D 185 3.12 20.49 -69.71
C PRO D 185 1.97 21.34 -70.22
N ARG D 186 2.10 21.76 -71.47
CA ARG D 186 1.03 22.50 -72.12
C ARG D 186 -0.22 21.63 -72.28
N HIS D 187 -0.02 20.35 -72.59
CA HIS D 187 -1.09 19.38 -72.51
C HIS D 187 -1.53 19.24 -71.05
N LEU D 188 -2.81 18.90 -70.86
CA LEU D 188 -3.44 18.82 -69.54
C LEU D 188 -3.41 20.18 -68.83
N LYS D 189 -4.05 21.15 -69.47
CA LYS D 189 -4.20 22.50 -68.94
C LYS D 189 -5.68 22.78 -68.76
N THR D 190 -6.06 23.29 -67.59
CA THR D 190 -7.48 23.47 -67.28
C THR D 190 -8.04 24.74 -67.90
N SER D 191 -7.56 25.90 -67.47
CA SER D 191 -8.14 27.20 -67.81
C SER D 191 -9.65 27.23 -67.51
N GLY D 192 -9.96 27.16 -66.22
CA GLY D 192 -11.31 26.92 -65.76
C GLY D 192 -11.45 27.15 -64.27
N GLY D 193 -12.13 26.24 -63.58
CA GLY D 193 -12.39 26.36 -62.14
C GLY D 193 -11.23 25.94 -61.26
N GLN D 194 -10.29 26.85 -61.02
CA GLN D 194 -9.06 26.51 -60.31
C GLN D 194 -9.34 25.99 -58.91
N GLY D 195 -8.53 25.02 -58.49
CA GLY D 195 -8.61 24.48 -57.15
C GLY D 195 -7.23 24.27 -56.56
N TYR D 196 -6.97 23.06 -56.07
CA TYR D 196 -5.65 22.72 -55.57
C TYR D 196 -4.63 22.68 -56.72
N LYS D 197 -3.42 23.12 -56.42
CA LYS D 197 -2.34 23.16 -57.39
C LYS D 197 -1.65 21.80 -57.44
N PHE D 198 -1.72 21.13 -58.58
CA PHE D 198 -1.11 19.82 -58.72
C PHE D 198 0.40 19.94 -58.75
N LEU D 199 1.07 19.10 -57.95
CA LEU D 199 2.53 19.03 -57.81
C LEU D 199 3.17 20.42 -57.58
N GLY D 200 2.42 21.31 -56.95
CA GLY D 200 2.88 22.65 -56.62
C GLY D 200 2.52 23.75 -57.61
N ILE D 201 2.64 23.47 -58.90
CA ILE D 201 2.44 24.51 -59.91
C ILE D 201 0.95 24.77 -60.10
N ASP D 202 0.62 26.04 -60.34
CA ASP D 202 -0.76 26.44 -60.58
C ASP D 202 -1.22 25.97 -61.95
N GLN D 203 -2.50 25.56 -62.01
CA GLN D 203 -3.18 25.17 -63.25
C GLN D 203 -2.48 23.98 -63.92
N CYS D 204 -2.39 22.88 -63.18
CA CYS D 204 -1.81 21.66 -63.72
C CYS D 204 -2.82 20.52 -63.83
N ALA D 205 -3.40 20.10 -62.70
CA ALA D 205 -4.49 19.12 -62.58
C ALA D 205 -4.11 17.71 -63.04
N PRO D 206 -4.80 16.68 -62.54
CA PRO D 206 -4.52 15.30 -62.97
C PRO D 206 -5.41 14.89 -64.12
N PRO D 207 -5.07 13.82 -64.83
CA PRO D 207 -5.91 13.35 -65.94
C PRO D 207 -7.08 12.49 -65.47
N CYS D 208 -8.12 12.44 -66.31
CA CYS D 208 -9.20 11.49 -66.08
C CYS D 208 -8.75 10.03 -66.13
N PRO D 209 -7.93 9.58 -67.09
CA PRO D 209 -7.23 8.31 -66.88
C PRO D 209 -6.20 8.50 -65.78
N ASN D 210 -6.33 7.72 -64.71
CA ASN D 210 -5.48 7.91 -63.54
C ASN D 210 -4.02 7.65 -63.86
N MET D 211 -3.75 6.60 -64.65
CA MET D 211 -2.41 6.26 -65.13
C MET D 211 -1.47 6.08 -63.92
N TYR D 212 -1.89 5.19 -63.04
CA TYR D 212 -1.02 4.55 -62.07
C TYR D 212 -1.06 3.04 -62.20
N PHE D 213 -2.18 2.51 -62.68
CA PHE D 213 -2.45 1.09 -62.90
C PHE D 213 -3.11 0.91 -64.27
N LYS D 214 -2.50 1.52 -65.29
CA LYS D 214 -3.15 1.78 -66.57
C LYS D 214 -3.61 0.51 -67.28
N SER D 215 -4.40 0.72 -68.34
CA SER D 215 -4.97 -0.30 -69.21
C SER D 215 -6.03 -1.15 -68.51
N ASP D 216 -5.83 -2.46 -68.48
CA ASP D 216 -6.92 -3.40 -68.20
C ASP D 216 -7.41 -3.31 -66.76
N GLU D 217 -6.49 -3.23 -65.80
CA GLU D 217 -6.89 -3.40 -64.41
C GLU D 217 -7.55 -2.18 -63.77
N LEU D 218 -7.60 -1.03 -64.46
CA LEU D 218 -8.42 0.07 -63.96
C LEU D 218 -9.91 -0.28 -64.03
N GLU D 219 -10.33 -0.91 -65.14
CA GLU D 219 -11.72 -1.31 -65.28
C GLU D 219 -12.07 -2.48 -64.37
N PHE D 220 -11.09 -3.31 -64.02
CA PHE D 220 -11.34 -4.35 -63.01
C PHE D 220 -11.66 -3.73 -61.66
N ALA D 221 -10.96 -2.66 -61.28
CA ALA D 221 -11.27 -1.96 -60.04
C ALA D 221 -12.64 -1.32 -60.09
N LYS D 222 -13.09 -0.89 -61.27
CA LYS D 222 -14.44 -0.35 -61.40
C LYS D 222 -15.48 -1.44 -61.13
N SER D 223 -15.26 -2.64 -61.65
CA SER D 223 -16.16 -3.76 -61.35
C SER D 223 -16.00 -4.25 -59.92
N PHE D 224 -14.79 -4.14 -59.37
CA PHE D 224 -14.56 -4.55 -57.98
C PHE D 224 -15.34 -3.67 -57.01
N ILE D 225 -15.35 -2.36 -57.25
CA ILE D 225 -16.10 -1.45 -56.38
C ILE D 225 -17.59 -1.73 -56.50
N GLY D 226 -18.07 -1.95 -57.72
CA GLY D 226 -19.47 -2.30 -57.91
C GLY D 226 -19.85 -3.60 -57.25
N THR D 227 -18.94 -4.58 -57.27
CA THR D 227 -19.20 -5.85 -56.61
C THR D 227 -19.25 -5.68 -55.09
N VAL D 228 -18.33 -4.90 -54.53
CA VAL D 228 -18.31 -4.69 -53.08
C VAL D 228 -19.50 -3.83 -52.65
N SER D 229 -19.87 -2.84 -53.46
CA SER D 229 -20.96 -1.94 -53.09
C SER D 229 -22.30 -2.65 -53.05
N ILE D 230 -22.48 -3.72 -53.82
CA ILE D 230 -23.72 -4.50 -53.76
C ILE D 230 -23.84 -5.21 -52.42
N PHE D 231 -22.76 -5.90 -52.01
CA PHE D 231 -22.80 -6.66 -50.76
C PHE D 231 -22.94 -5.74 -49.56
N CYS D 232 -22.26 -4.60 -49.57
CA CYS D 232 -22.35 -3.68 -48.46
C CYS D 232 -23.67 -2.92 -48.46
N LEU D 233 -24.32 -2.80 -49.61
CA LEU D 233 -25.69 -2.28 -49.65
C LEU D 233 -26.66 -3.30 -49.08
N CYS D 234 -26.40 -4.59 -49.32
CA CYS D 234 -27.27 -5.67 -48.91
C CYS D 234 -27.07 -6.08 -47.46
N ALA D 235 -26.17 -5.42 -46.73
CA ALA D 235 -25.97 -5.67 -45.32
C ALA D 235 -26.18 -4.43 -44.47
N THR D 236 -26.43 -3.27 -45.07
CA THR D 236 -26.66 -2.03 -44.34
C THR D 236 -28.05 -1.46 -44.60
N LEU D 237 -28.46 -1.33 -45.86
CA LEU D 237 -29.85 -1.03 -46.16
C LEU D 237 -30.78 -2.15 -45.73
N PHE D 238 -30.28 -3.38 -45.71
CA PHE D 238 -31.06 -4.51 -45.20
C PHE D 238 -31.37 -4.34 -43.72
N THR D 239 -30.43 -3.78 -42.97
CA THR D 239 -30.69 -3.44 -41.58
C THR D 239 -31.63 -2.25 -41.43
N PHE D 240 -31.56 -1.27 -42.33
CA PHE D 240 -32.38 -0.07 -42.20
C PHE D 240 -33.86 -0.40 -42.28
N LEU D 241 -34.24 -1.34 -43.16
CA LEU D 241 -35.59 -1.85 -43.18
C LEU D 241 -35.88 -2.87 -42.09
N THR D 242 -34.84 -3.35 -41.39
CA THR D 242 -35.03 -4.35 -40.34
C THR D 242 -35.31 -3.69 -39.00
N PHE D 243 -34.56 -2.64 -38.66
CA PHE D 243 -34.85 -1.88 -37.44
C PHE D 243 -36.19 -1.15 -37.54
N LEU D 244 -36.69 -0.90 -38.74
CA LEU D 244 -37.96 -0.19 -38.89
C LEU D 244 -39.17 -1.08 -38.67
N ILE D 245 -38.99 -2.39 -38.56
CA ILE D 245 -40.11 -3.27 -38.24
C ILE D 245 -40.57 -3.05 -36.80
N ASP D 246 -39.62 -2.91 -35.88
CA ASP D 246 -39.95 -2.66 -34.48
C ASP D 246 -39.94 -1.19 -34.12
N VAL D 247 -38.97 -0.43 -34.64
CA VAL D 247 -38.74 0.99 -34.36
C VAL D 247 -38.49 1.20 -32.86
N ARG D 248 -39.50 0.92 -32.04
CA ARG D 248 -39.36 1.01 -30.59
C ARG D 248 -38.68 -0.22 -30.04
N ARG D 249 -38.71 -0.37 -28.71
CA ARG D 249 -38.19 -1.48 -27.91
C ARG D 249 -36.67 -1.56 -27.93
N PHE D 250 -35.99 -0.72 -28.72
CA PHE D 250 -34.53 -0.56 -28.66
C PHE D 250 -34.28 0.78 -27.99
N ARG D 251 -33.82 0.72 -26.74
CA ARG D 251 -33.76 1.90 -25.88
C ARG D 251 -32.68 2.86 -26.36
N TYR D 252 -32.49 3.95 -25.62
CA TYR D 252 -31.45 4.89 -26.03
C TYR D 252 -30.05 4.34 -25.79
N PRO D 253 -29.80 3.48 -24.78
CA PRO D 253 -28.57 2.67 -24.84
C PRO D 253 -28.75 1.42 -25.71
N GLU D 254 -29.43 1.61 -26.84
CA GLU D 254 -29.36 0.77 -28.03
C GLU D 254 -29.45 1.62 -29.29
N ARG D 255 -29.66 2.93 -29.14
CA ARG D 255 -30.16 3.82 -30.19
C ARG D 255 -29.12 4.30 -31.20
N PRO D 256 -27.90 4.72 -30.81
CA PRO D 256 -27.00 5.30 -31.83
C PRO D 256 -26.65 4.39 -33.00
N ILE D 257 -26.92 3.08 -32.91
CA ILE D 257 -26.59 2.21 -34.03
C ILE D 257 -27.64 2.32 -35.15
N ILE D 258 -28.88 2.69 -34.82
CA ILE D 258 -29.88 2.83 -35.88
C ILE D 258 -29.55 4.04 -36.75
N TYR D 259 -28.91 5.06 -36.19
CA TYR D 259 -28.42 6.19 -36.97
C TYR D 259 -27.00 5.99 -37.44
N TYR D 260 -26.27 5.02 -36.89
CA TYR D 260 -24.98 4.65 -37.46
C TYR D 260 -25.18 3.98 -38.81
N SER D 261 -26.10 3.02 -38.89
CA SER D 261 -26.36 2.30 -40.12
C SER D 261 -27.03 3.19 -41.17
N VAL D 262 -27.84 4.15 -40.75
CA VAL D 262 -28.41 5.12 -41.70
C VAL D 262 -27.29 5.94 -42.33
N CYS D 263 -26.30 6.35 -41.54
CA CYS D 263 -25.18 7.11 -42.07
C CYS D 263 -24.35 6.29 -43.06
N TYR D 264 -24.14 5.01 -42.75
CA TYR D 264 -23.45 4.13 -43.69
C TYR D 264 -24.37 3.53 -44.74
N SER D 265 -25.69 3.71 -44.60
CA SER D 265 -26.59 3.40 -45.70
C SER D 265 -26.36 4.34 -46.87
N ILE D 266 -26.14 5.63 -46.58
CA ILE D 266 -25.85 6.59 -47.64
C ILE D 266 -24.48 6.32 -48.24
N VAL D 267 -23.48 6.07 -47.39
CA VAL D 267 -22.09 5.96 -47.84
C VAL D 267 -21.93 4.76 -48.78
N SER D 268 -22.60 3.65 -48.48
CA SER D 268 -22.56 2.49 -49.36
C SER D 268 -23.21 2.79 -50.71
N LEU D 269 -24.25 3.62 -50.70
CA LEU D 269 -25.01 3.92 -51.91
C LEU D 269 -24.32 4.92 -52.82
N MET D 270 -23.47 5.80 -52.28
CA MET D 270 -22.78 6.76 -53.14
C MET D 270 -21.70 6.08 -53.98
N TYR D 271 -21.07 5.04 -53.42
CA TYR D 271 -20.14 4.24 -54.20
C TYR D 271 -20.87 3.46 -55.28
N PHE D 272 -22.14 3.12 -55.03
CA PHE D 272 -22.99 2.57 -56.09
C PHE D 272 -23.26 3.61 -57.17
N ILE D 273 -23.43 4.87 -56.78
CA ILE D 273 -23.61 5.94 -57.78
C ILE D 273 -22.36 6.11 -58.61
N GLY D 274 -21.19 5.99 -57.98
CA GLY D 274 -19.94 6.10 -58.72
C GLY D 274 -19.74 4.99 -59.72
N PHE D 275 -20.19 3.78 -59.39
CA PHE D 275 -20.10 2.67 -60.33
C PHE D 275 -21.05 2.83 -61.51
N LEU D 276 -22.26 3.35 -61.26
CA LEU D 276 -23.24 3.48 -62.33
C LEU D 276 -22.84 4.56 -63.33
N LEU D 277 -22.38 5.72 -62.83
CA LEU D 277 -22.05 6.82 -63.72
C LEU D 277 -20.78 6.56 -64.51
N GLY D 278 -19.75 6.07 -63.84
CA GLY D 278 -18.47 5.83 -64.50
C GLY D 278 -17.55 7.03 -64.45
N ASP D 279 -17.32 7.66 -65.60
CA ASP D 279 -16.48 8.85 -65.65
C ASP D 279 -17.20 9.99 -66.36
N SER D 280 -18.49 10.19 -66.03
CA SER D 280 -19.28 11.23 -66.66
C SER D 280 -19.12 12.57 -65.95
N THR D 281 -19.45 12.61 -64.66
CA THR D 281 -19.37 13.84 -63.87
C THR D 281 -18.29 13.79 -62.81
N ALA D 282 -17.63 12.65 -62.61
CA ALA D 282 -16.47 12.60 -61.74
C ALA D 282 -15.33 13.45 -62.31
N CYS D 283 -15.31 13.62 -63.63
CA CYS D 283 -14.41 14.55 -64.30
C CYS D 283 -15.04 14.90 -65.64
N ASN D 284 -14.73 16.08 -66.16
CA ASN D 284 -15.26 16.52 -67.44
C ASN D 284 -14.21 16.37 -68.54
N LYS D 285 -14.70 16.07 -69.75
CA LYS D 285 -13.83 15.97 -70.92
C LYS D 285 -13.40 17.33 -71.45
N ALA D 286 -14.02 18.40 -70.97
CA ALA D 286 -13.68 19.79 -71.28
C ALA D 286 -13.82 20.03 -72.79
N ASP D 287 -13.05 20.95 -73.34
CA ASP D 287 -13.11 21.31 -74.74
C ASP D 287 -11.97 20.62 -75.51
N GLU D 288 -11.88 20.93 -76.81
CA GLU D 288 -10.88 20.35 -77.68
C GLU D 288 -9.83 21.36 -78.13
N LYS D 289 -9.64 22.45 -77.37
CA LYS D 289 -8.61 23.42 -77.72
C LYS D 289 -7.21 22.83 -77.55
N LEU D 290 -7.03 21.97 -76.56
CA LEU D 290 -5.78 21.26 -76.32
C LEU D 290 -5.88 19.85 -76.89
N GLU D 291 -4.87 19.02 -76.59
CA GLU D 291 -4.76 17.71 -77.22
C GLU D 291 -5.86 16.77 -76.76
N LEU D 292 -5.93 16.48 -75.47
CA LEU D 292 -6.92 15.55 -74.92
C LEU D 292 -8.05 16.25 -74.19
N GLY D 293 -7.73 17.07 -73.20
CA GLY D 293 -8.72 17.79 -72.44
C GLY D 293 -9.35 17.01 -71.30
N ASP D 294 -8.94 15.76 -71.09
CA ASP D 294 -9.51 14.94 -70.03
C ASP D 294 -8.76 15.24 -68.73
N THR D 295 -9.44 15.91 -67.81
CA THR D 295 -8.81 16.31 -66.55
C THR D 295 -9.82 16.22 -65.42
N VAL D 296 -9.30 16.03 -64.22
CA VAL D 296 -10.12 15.84 -63.03
C VAL D 296 -10.65 17.20 -62.56
N VAL D 297 -11.94 17.24 -62.22
CA VAL D 297 -12.51 18.47 -61.68
C VAL D 297 -12.02 18.68 -60.25
N LEU D 298 -11.66 19.92 -59.94
CA LEU D 298 -11.25 20.32 -58.60
C LEU D 298 -12.06 21.53 -58.17
N GLY D 299 -12.35 21.60 -56.88
CA GLY D 299 -13.16 22.67 -56.35
C GLY D 299 -14.64 22.42 -56.56
N SER D 300 -15.43 23.41 -56.17
CA SER D 300 -16.89 23.33 -56.25
C SER D 300 -17.46 24.21 -57.36
N GLN D 301 -16.68 24.44 -58.42
CA GLN D 301 -17.15 25.27 -59.53
C GLN D 301 -18.14 24.54 -60.43
N ASN D 302 -18.18 23.22 -60.37
CA ASN D 302 -19.06 22.41 -61.22
C ASN D 302 -20.03 21.62 -60.36
N LYS D 303 -21.29 21.57 -60.79
CA LYS D 303 -22.30 20.79 -60.08
C LYS D 303 -22.08 19.30 -60.30
N ALA D 304 -22.90 18.51 -59.60
CA ALA D 304 -22.93 17.04 -59.64
C ALA D 304 -21.66 16.40 -59.09
N CYS D 305 -20.72 17.18 -58.57
CA CYS D 305 -19.60 16.63 -57.82
C CYS D 305 -19.54 17.11 -56.38
N THR D 306 -19.86 18.38 -56.12
CA THR D 306 -19.92 18.86 -54.75
C THR D 306 -21.06 18.24 -53.98
N VAL D 307 -22.14 17.84 -54.67
CA VAL D 307 -23.21 17.07 -54.04
C VAL D 307 -22.69 15.71 -53.58
N LEU D 308 -21.89 15.06 -54.43
CA LEU D 308 -21.31 13.77 -54.07
C LEU D 308 -20.32 13.90 -52.91
N PHE D 309 -19.76 15.10 -52.72
CA PHE D 309 -18.97 15.31 -51.51
C PHE D 309 -19.86 15.52 -50.29
N MET D 310 -20.99 16.22 -50.47
CA MET D 310 -21.84 16.58 -49.34
C MET D 310 -22.43 15.36 -48.64
N LEU D 311 -22.90 14.37 -49.40
CA LEU D 311 -23.59 13.24 -48.81
C LEU D 311 -22.67 12.10 -48.42
N LEU D 312 -21.44 12.04 -48.95
CA LEU D 312 -20.55 10.95 -48.55
C LEU D 312 -19.73 11.35 -47.32
N TYR D 313 -19.09 12.52 -47.36
CA TYR D 313 -18.20 12.91 -46.27
C TYR D 313 -18.97 13.24 -45.00
N PHE D 314 -20.10 13.93 -45.12
CA PHE D 314 -20.90 14.27 -43.94
C PHE D 314 -21.46 13.03 -43.27
N PHE D 315 -21.88 12.04 -44.05
CA PHE D 315 -22.42 10.81 -43.49
C PHE D 315 -21.35 9.79 -43.15
N THR D 316 -20.09 10.04 -43.51
CA THR D 316 -18.98 9.22 -43.05
C THR D 316 -18.47 9.70 -41.69
N MET D 317 -18.30 11.02 -41.55
CA MET D 317 -17.89 11.58 -40.27
C MET D 317 -18.99 11.41 -39.22
N ALA D 318 -20.26 11.48 -39.65
CA ALA D 318 -21.36 11.21 -38.74
C ALA D 318 -21.34 9.76 -38.28
N GLY D 319 -21.11 8.83 -39.20
CA GLY D 319 -21.08 7.43 -38.84
C GLY D 319 -20.01 7.10 -37.82
N THR D 320 -18.89 7.83 -37.87
CA THR D 320 -17.84 7.65 -36.88
C THR D 320 -18.25 8.23 -35.53
N VAL D 321 -18.86 9.43 -35.51
CA VAL D 321 -19.15 10.08 -34.25
C VAL D 321 -20.38 9.45 -33.58
N TRP D 322 -21.27 8.84 -34.37
CA TRP D 322 -22.34 8.07 -33.75
C TRP D 322 -21.79 6.86 -33.01
N TRP D 323 -20.72 6.27 -33.52
CA TRP D 323 -20.04 5.21 -32.76
C TRP D 323 -19.41 5.77 -31.50
N VAL D 324 -18.89 7.01 -31.56
CA VAL D 324 -18.38 7.67 -30.36
C VAL D 324 -19.50 7.93 -29.37
N ILE D 325 -20.67 8.35 -29.87
CA ILE D 325 -21.84 8.55 -29.01
C ILE D 325 -22.25 7.23 -28.36
N LEU D 326 -22.15 6.12 -29.10
CA LEU D 326 -22.49 4.83 -28.54
C LEU D 326 -21.52 4.44 -27.43
N THR D 327 -20.24 4.80 -27.56
CA THR D 327 -19.30 4.56 -26.48
C THR D 327 -19.53 5.53 -25.32
N ILE D 328 -20.01 6.74 -25.61
CA ILE D 328 -20.40 7.65 -24.53
C ILE D 328 -21.58 7.09 -23.76
N THR D 329 -22.58 6.58 -24.47
CA THR D 329 -23.75 6.01 -23.81
C THR D 329 -23.38 4.74 -23.04
N TRP D 330 -22.44 3.96 -23.58
CA TRP D 330 -21.98 2.77 -22.86
C TRP D 330 -21.26 3.15 -21.57
N PHE D 331 -20.39 4.18 -21.64
CA PHE D 331 -19.70 4.63 -20.44
C PHE D 331 -20.66 5.25 -19.44
N LEU D 332 -21.64 6.01 -19.93
CA LEU D 332 -22.62 6.64 -19.05
C LEU D 332 -23.49 5.60 -18.36
N ALA D 333 -23.85 4.53 -19.07
CA ALA D 333 -24.72 3.51 -18.51
C ALA D 333 -23.98 2.41 -17.77
N ALA D 334 -22.64 2.39 -17.82
CA ALA D 334 -21.86 1.38 -17.11
C ALA D 334 -20.82 1.95 -16.16
N GLY D 335 -20.41 3.19 -16.33
CA GLY D 335 -19.45 3.79 -15.43
C GLY D 335 -20.07 4.78 -14.47
N ARG D 336 -21.00 5.58 -14.96
CA ARG D 336 -21.70 6.56 -14.14
C ARG D 336 -23.03 6.03 -13.60
N LYS D 337 -23.42 4.82 -13.99
CA LYS D 337 -24.66 4.16 -13.52
C LYS D 337 -25.89 5.02 -13.81
N TRP D 338 -25.91 5.65 -14.98
CA TRP D 338 -27.08 6.42 -15.40
C TRP D 338 -28.18 5.48 -15.87
N SER D 339 -29.42 5.91 -15.67
CA SER D 339 -30.57 5.13 -16.11
C SER D 339 -30.81 5.33 -17.60
N CYS D 340 -31.79 4.57 -18.12
CA CYS D 340 -32.15 4.70 -19.53
C CYS D 340 -32.77 6.07 -19.81
N GLU D 341 -33.68 6.53 -18.95
CA GLU D 341 -34.37 7.78 -19.19
C GLU D 341 -33.50 9.00 -18.91
N ALA D 342 -32.50 8.89 -18.04
CA ALA D 342 -31.59 10.00 -17.79
C ALA D 342 -30.74 10.29 -19.03
N ILE D 343 -30.27 9.26 -19.71
CA ILE D 343 -29.52 9.43 -20.94
C ILE D 343 -30.44 9.91 -22.06
N GLU D 344 -31.67 9.42 -22.09
CA GLU D 344 -32.66 9.83 -23.10
C GLU D 344 -32.96 11.32 -23.00
N GLN D 345 -32.83 11.90 -21.80
CA GLN D 345 -33.04 13.33 -21.65
C GLN D 345 -32.00 14.14 -22.42
N LYS D 346 -30.84 13.56 -22.73
CA LYS D 346 -29.78 14.23 -23.47
C LYS D 346 -29.78 13.84 -24.94
N ALA D 347 -30.92 13.40 -25.48
CA ALA D 347 -30.98 12.98 -26.88
C ALA D 347 -30.83 14.17 -27.82
N VAL D 348 -31.38 15.33 -27.44
CA VAL D 348 -31.22 16.53 -28.26
C VAL D 348 -29.77 16.99 -28.26
N TRP D 349 -29.06 16.81 -27.14
CA TRP D 349 -27.66 17.21 -27.08
C TRP D 349 -26.77 16.31 -27.93
N PHE D 350 -27.07 15.00 -27.96
CA PHE D 350 -26.27 14.09 -28.78
C PHE D 350 -26.50 14.33 -30.26
N HIS D 351 -27.75 14.54 -30.68
CA HIS D 351 -28.04 14.82 -32.08
C HIS D 351 -27.42 16.13 -32.54
N ALA D 352 -27.30 17.11 -31.63
CA ALA D 352 -26.68 18.38 -31.98
C ALA D 352 -25.21 18.20 -32.31
N VAL D 353 -24.51 17.32 -31.57
CA VAL D 353 -23.10 17.10 -31.83
C VAL D 353 -22.92 16.14 -33.01
N ALA D 354 -23.70 15.06 -33.05
CA ALA D 354 -23.47 14.00 -34.02
C ALA D 354 -23.90 14.41 -35.44
N TRP D 355 -24.89 15.29 -35.56
CA TRP D 355 -25.21 15.89 -36.85
C TRP D 355 -24.52 17.24 -37.07
N GLY D 356 -23.91 17.80 -36.03
CA GLY D 356 -23.36 19.14 -36.12
C GLY D 356 -21.86 19.17 -36.33
N THR D 357 -21.13 18.32 -35.62
CA THR D 357 -19.69 18.26 -35.82
C THR D 357 -19.28 17.81 -37.22
N PRO D 358 -19.89 16.78 -37.85
CA PRO D 358 -19.68 16.61 -39.29
C PRO D 358 -20.32 17.72 -40.10
N GLY D 359 -21.41 18.31 -39.62
CA GLY D 359 -22.02 19.43 -40.32
C GLY D 359 -21.19 20.70 -40.24
N PHE D 360 -20.45 20.88 -39.15
CA PHE D 360 -19.53 22.00 -39.06
C PHE D 360 -18.33 21.81 -39.97
N LEU D 361 -17.87 20.57 -40.13
CA LEU D 361 -16.75 20.30 -41.02
C LEU D 361 -17.15 20.34 -42.49
N THR D 362 -18.34 19.82 -42.83
CA THR D 362 -18.75 19.77 -44.23
C THR D 362 -19.06 21.15 -44.81
N VAL D 363 -19.24 22.16 -43.97
CA VAL D 363 -19.37 23.53 -44.46
C VAL D 363 -18.03 24.27 -44.45
N MET D 364 -17.02 23.75 -43.75
CA MET D 364 -15.69 24.34 -43.87
C MET D 364 -15.06 24.01 -45.21
N LEU D 365 -15.20 22.77 -45.68
CA LEU D 365 -14.53 22.37 -46.91
C LEU D 365 -15.05 23.13 -48.11
N LEU D 366 -16.33 23.50 -48.09
CA LEU D 366 -16.90 24.32 -49.14
C LEU D 366 -16.34 25.73 -49.14
N ALA D 367 -15.77 26.18 -48.01
CA ALA D 367 -15.29 27.55 -47.94
C ALA D 367 -13.98 27.73 -48.71
N MET D 368 -13.06 26.78 -48.60
CA MET D 368 -11.79 26.86 -49.33
C MET D 368 -11.65 25.75 -50.37
N ASN D 369 -12.78 25.21 -50.82
CA ASN D 369 -12.95 24.30 -51.97
C ASN D 369 -11.80 23.31 -52.16
N LYS D 370 -11.54 22.54 -51.10
CA LYS D 370 -10.54 21.48 -51.11
C LYS D 370 -11.13 20.14 -51.51
N VAL D 371 -12.25 20.14 -52.22
CA VAL D 371 -12.86 18.91 -52.72
C VAL D 371 -12.17 18.53 -54.02
N GLU D 372 -11.90 17.24 -54.19
CA GLU D 372 -11.25 16.73 -55.37
C GLU D 372 -12.06 15.58 -55.95
N GLY D 373 -11.73 15.20 -57.19
CA GLY D 373 -12.40 14.13 -57.88
C GLY D 373 -11.76 12.78 -57.59
N ASP D 374 -12.20 11.78 -58.36
CA ASP D 374 -11.71 10.42 -58.22
C ASP D 374 -11.83 9.73 -59.58
N ASN D 375 -11.08 8.67 -59.74
CA ASN D 375 -11.13 7.91 -60.98
C ASN D 375 -11.34 6.41 -60.77
N ILE D 376 -10.86 5.87 -59.66
CA ILE D 376 -11.06 4.44 -59.38
C ILE D 376 -12.53 4.18 -59.10
N SER D 377 -13.13 4.97 -58.22
CA SER D 377 -14.57 4.95 -57.98
C SER D 377 -15.11 6.34 -58.21
N GLY D 378 -16.08 6.46 -59.11
CA GLY D 378 -16.52 7.77 -59.56
C GLY D 378 -17.34 8.58 -58.57
N VAL D 379 -16.77 8.84 -57.40
CA VAL D 379 -17.41 9.64 -56.38
C VAL D 379 -16.41 10.65 -55.84
N CYS D 380 -16.87 11.88 -55.60
CA CYS D 380 -15.98 12.92 -55.13
C CYS D 380 -15.75 12.79 -53.62
N PHE D 381 -14.52 13.06 -53.20
CA PHE D 381 -14.16 12.99 -51.79
C PHE D 381 -12.97 13.93 -51.58
N VAL D 382 -12.51 14.02 -50.33
CA VAL D 382 -11.52 15.01 -49.93
C VAL D 382 -10.27 14.28 -49.44
N GLY D 383 -9.10 14.83 -49.78
CA GLY D 383 -7.84 14.31 -49.32
C GLY D 383 -7.20 13.26 -50.21
N LEU D 384 -7.77 12.98 -51.38
CA LEU D 384 -7.19 11.96 -52.24
C LEU D 384 -5.90 12.43 -52.89
N TYR D 385 -5.89 13.66 -53.41
CA TYR D 385 -4.76 14.17 -54.17
C TYR D 385 -4.08 15.34 -53.47
N ASP D 386 -4.30 15.45 -52.16
CA ASP D 386 -3.69 16.48 -51.35
C ASP D 386 -3.14 15.84 -50.08
N LEU D 387 -2.12 16.48 -49.52
CA LEU D 387 -1.52 16.02 -48.27
C LEU D 387 -2.03 16.80 -47.07
N ASP D 388 -2.68 17.94 -47.30
CA ASP D 388 -3.20 18.78 -46.22
C ASP D 388 -4.63 18.42 -45.86
N ALA D 389 -5.44 18.08 -46.87
CA ALA D 389 -6.85 17.77 -46.62
C ALA D 389 -7.01 16.42 -45.93
N SER D 390 -6.25 15.41 -46.36
CA SER D 390 -6.39 14.08 -45.78
C SER D 390 -5.85 14.04 -44.35
N ARG D 391 -4.73 14.71 -44.10
CA ARG D 391 -4.09 14.63 -42.79
C ARG D 391 -4.90 15.35 -41.72
N TYR D 392 -5.39 16.55 -42.03
CA TYR D 392 -6.06 17.36 -41.02
C TYR D 392 -7.55 17.08 -40.92
N PHE D 393 -8.21 16.85 -42.05
CA PHE D 393 -9.67 16.80 -42.09
C PHE D 393 -10.22 15.39 -42.28
N VAL D 394 -9.37 14.40 -42.56
CA VAL D 394 -9.81 13.02 -42.69
C VAL D 394 -9.07 12.14 -41.69
N LEU D 395 -7.74 12.12 -41.76
CA LEU D 395 -6.97 11.26 -40.87
C LEU D 395 -7.10 11.70 -39.42
N LEU D 396 -6.96 13.00 -39.16
CA LEU D 396 -7.03 13.50 -37.79
C LEU D 396 -8.38 13.27 -37.12
N PRO D 397 -9.54 13.57 -37.75
CA PRO D 397 -10.80 13.36 -37.02
C PRO D 397 -11.15 11.91 -36.72
N LEU D 398 -10.84 10.97 -37.62
CA LEU D 398 -11.06 9.56 -37.29
C LEU D 398 -10.11 9.10 -36.18
N CYS D 399 -8.84 9.51 -36.23
CA CYS D 399 -7.93 9.15 -35.14
C CYS D 399 -8.33 9.80 -33.84
N LEU D 400 -8.84 11.04 -33.88
CA LEU D 400 -9.35 11.66 -32.66
C LEU D 400 -10.60 10.94 -32.16
N CYS D 401 -11.49 10.56 -33.07
CA CYS D 401 -12.71 9.86 -32.68
C CYS D 401 -12.42 8.45 -32.18
N VAL D 402 -11.43 7.78 -32.77
CA VAL D 402 -11.02 6.48 -32.28
C VAL D 402 -10.41 6.58 -30.89
N PHE D 403 -9.57 7.60 -30.68
CA PHE D 403 -8.89 7.76 -29.39
C PHE D 403 -9.88 8.02 -28.27
N VAL D 404 -10.86 8.90 -28.49
CA VAL D 404 -11.87 9.14 -27.47
C VAL D 404 -12.80 7.93 -27.34
N GLY D 405 -13.03 7.22 -28.44
CA GLY D 405 -13.89 6.05 -28.38
C GLY D 405 -13.30 4.91 -27.55
N LEU D 406 -12.02 4.63 -27.74
CA LEU D 406 -11.36 3.60 -26.93
C LEU D 406 -11.18 4.06 -25.50
N SER D 407 -10.97 5.36 -25.29
CA SER D 407 -10.80 5.88 -23.94
C SER D 407 -12.07 5.70 -23.11
N LEU D 408 -13.23 5.95 -23.70
CA LEU D 408 -14.48 5.73 -22.99
C LEU D 408 -14.84 4.25 -22.89
N LEU D 409 -14.51 3.47 -23.92
CA LEU D 409 -14.75 2.04 -23.87
C LEU D 409 -13.87 1.36 -22.83
N LEU D 410 -12.60 1.78 -22.74
CA LEU D 410 -11.72 1.23 -21.73
C LEU D 410 -12.08 1.72 -20.33
N ALA D 411 -12.62 2.94 -20.23
CA ALA D 411 -13.12 3.40 -18.94
C ALA D 411 -14.38 2.66 -18.54
N GLY D 412 -15.24 2.34 -19.52
CA GLY D 412 -16.45 1.59 -19.22
C GLY D 412 -16.17 0.15 -18.79
N ILE D 413 -15.21 -0.49 -19.45
CA ILE D 413 -14.93 -1.90 -19.16
C ILE D 413 -14.27 -2.04 -17.78
N ILE D 414 -13.51 -1.02 -17.35
CA ILE D 414 -12.84 -1.13 -16.06
C ILE D 414 -13.76 -0.71 -14.93
N SER D 415 -14.75 0.14 -15.20
CA SER D 415 -15.69 0.52 -14.16
C SER D 415 -16.69 -0.60 -13.89
N LEU D 416 -17.12 -1.30 -14.93
CA LEU D 416 -18.01 -2.44 -14.73
C LEU D 416 -17.28 -3.63 -14.13
N ASN D 417 -15.98 -3.77 -14.43
CA ASN D 417 -15.21 -4.86 -13.84
C ASN D 417 -15.07 -4.69 -12.34
N HIS D 418 -14.89 -3.46 -11.87
CA HIS D 418 -14.80 -3.18 -10.45
C HIS D 418 -16.20 -3.18 -9.85
N ALA D 420 -19.13 -2.56 -8.77
CA ALA D 420 -19.99 -3.14 -9.79
C ALA D 420 -19.97 -4.67 -9.71
N ARG D 421 -19.15 -5.29 -10.57
CA ARG D 421 -19.13 -6.74 -10.62
C ARG D 421 -18.37 -7.33 -9.42
N ARG D 422 -17.27 -6.70 -9.02
CA ARG D 422 -16.54 -7.18 -7.86
C ARG D 422 -17.32 -6.92 -6.57
N GLN D 423 -18.03 -5.78 -6.50
CA GLN D 423 -18.88 -5.52 -5.35
C GLN D 423 -20.02 -6.52 -5.26
N LEU D 424 -20.64 -6.85 -6.38
CA LEU D 424 -21.67 -7.89 -6.36
C LEU D 424 -21.07 -9.24 -6.01
N ALA D 425 -19.84 -9.49 -6.45
CA ALA D 425 -19.20 -10.79 -6.20
C ALA D 425 -18.92 -10.98 -4.71
N ASP D 426 -18.28 -9.99 -4.07
CA ASP D 426 -17.98 -10.19 -2.65
C ASP D 426 -19.20 -9.99 -1.77
N LEU D 427 -20.21 -9.22 -2.21
CA LEU D 427 -21.47 -9.18 -1.47
C LEU D 427 -22.18 -10.53 -1.55
N GLU D 428 -22.12 -11.19 -2.70
CA GLU D 428 -22.70 -12.53 -2.81
C GLU D 428 -21.91 -13.54 -1.99
N ASP D 429 -20.59 -13.36 -1.90
CA ASP D 429 -19.79 -14.22 -1.02
C ASP D 429 -20.17 -14.03 0.44
N ASN D 430 -20.41 -12.77 0.85
CA ASN D 430 -20.87 -12.50 2.21
C ASN D 430 -22.25 -13.10 2.45
N TRP D 431 -23.14 -13.01 1.46
CA TRP D 431 -24.44 -13.63 1.57
C TRP D 431 -24.32 -15.16 1.69
N GLU D 432 -23.37 -15.74 0.95
CA GLU D 432 -23.17 -17.19 0.98
C GLU D 432 -22.65 -17.65 2.34
N THR D 433 -21.69 -16.91 2.92
CA THR D 433 -21.20 -17.30 4.23
C THR D 433 -22.25 -17.06 5.31
N LEU D 434 -23.07 -16.01 5.16
CA LEU D 434 -24.21 -15.82 6.05
C LEU D 434 -25.15 -17.02 5.97
N ASN D 435 -25.47 -17.45 4.75
CA ASN D 435 -26.44 -18.53 4.54
C ASN D 435 -25.93 -19.84 5.11
N ASP D 436 -24.71 -20.24 4.77
CA ASP D 436 -24.25 -21.54 5.23
C ASP D 436 -23.85 -21.52 6.70
N ASN D 437 -23.52 -20.35 7.28
CA ASN D 437 -23.39 -20.28 8.72
C ASN D 437 -24.73 -20.47 9.41
N LEU D 438 -25.80 -19.90 8.85
CA LEU D 438 -27.14 -20.16 9.37
C LEU D 438 -27.47 -21.65 9.27
N LYS D 439 -27.11 -22.28 8.14
CA LYS D 439 -27.37 -23.70 7.96
C LYS D 439 -26.60 -24.55 8.98
N VAL D 440 -25.34 -24.21 9.24
CA VAL D 440 -24.57 -25.05 10.14
C VAL D 440 -25.01 -24.82 11.59
N ILE D 441 -25.53 -23.63 11.92
CA ILE D 441 -26.11 -23.45 13.24
C ILE D 441 -27.41 -24.23 13.38
N GLU D 442 -28.26 -24.18 12.35
CA GLU D 442 -29.61 -24.71 12.49
C GLU D 442 -29.67 -26.23 12.58
N LYS D 443 -28.56 -26.93 12.35
CA LYS D 443 -28.53 -28.38 12.45
C LYS D 443 -27.46 -28.88 13.41
N ALA D 444 -26.94 -28.02 14.28
CA ALA D 444 -25.90 -28.38 15.25
C ALA D 444 -26.39 -28.14 16.67
N ASP D 445 -25.53 -28.52 17.62
CA ASP D 445 -25.81 -28.36 19.04
C ASP D 445 -24.63 -27.71 19.73
N ASN D 446 -24.64 -27.71 21.08
CA ASN D 446 -23.60 -27.15 21.94
C ASN D 446 -23.50 -25.63 21.82
N ALA D 447 -22.79 -24.99 22.76
CA ALA D 447 -22.67 -23.54 22.80
C ALA D 447 -21.30 -23.05 22.35
N ALA D 448 -20.51 -23.91 21.70
CA ALA D 448 -19.16 -23.55 21.30
C ALA D 448 -19.10 -23.02 19.87
N GLN D 449 -19.61 -23.78 18.91
CA GLN D 449 -19.50 -23.39 17.51
C GLN D 449 -20.48 -22.29 17.13
N VAL D 450 -21.53 -22.07 17.94
CA VAL D 450 -22.51 -21.04 17.61
C VAL D 450 -21.88 -19.65 17.73
N LYS D 451 -21.01 -19.44 18.72
CA LYS D 451 -20.31 -18.17 18.86
C LYS D 451 -19.35 -17.95 17.69
N ASP D 452 -18.66 -19.01 17.26
CA ASP D 452 -17.73 -18.90 16.13
C ASP D 452 -18.47 -18.59 14.84
N ALA D 453 -19.66 -19.16 14.65
CA ALA D 453 -20.44 -18.83 13.45
C ALA D 453 -21.00 -17.42 13.53
N LEU D 454 -21.41 -16.98 14.72
CA LEU D 454 -21.91 -15.62 14.88
C LEU D 454 -20.83 -14.59 14.64
N THR D 455 -19.59 -14.90 14.99
CA THR D 455 -18.47 -14.00 14.70
C THR D 455 -18.31 -13.81 13.20
N LYS D 456 -18.34 -14.91 12.45
CA LYS D 456 -18.19 -14.84 10.99
C LYS D 456 -19.36 -14.12 10.36
N MET D 457 -20.58 -14.35 10.85
CA MET D 457 -21.73 -13.64 10.30
C MET D 457 -21.68 -12.15 10.60
N ARG D 458 -21.20 -11.76 11.78
CA ARG D 458 -21.08 -10.34 12.09
C ARG D 458 -20.05 -9.68 11.19
N ALA D 459 -18.92 -10.35 10.96
CA ALA D 459 -17.92 -9.82 10.04
C ALA D 459 -18.48 -9.69 8.62
N ALA D 460 -19.22 -10.71 8.17
CA ALA D 460 -19.82 -10.67 6.84
C ALA D 460 -20.88 -9.59 6.71
N ALA D 461 -21.70 -9.40 7.75
CA ALA D 461 -22.71 -8.35 7.72
C ALA D 461 -22.09 -6.97 7.67
N LEU D 462 -21.02 -6.74 8.45
CA LEU D 462 -20.34 -5.46 8.38
C LEU D 462 -19.70 -5.24 7.02
N ASP D 463 -19.09 -6.28 6.45
CA ASP D 463 -18.48 -6.16 5.13
C ASP D 463 -19.52 -5.85 4.06
N ALA D 464 -20.67 -6.54 4.11
CA ALA D 464 -21.71 -6.31 3.12
C ALA D 464 -22.36 -4.93 3.30
N GLN D 465 -22.53 -4.48 4.54
CA GLN D 465 -23.08 -3.15 4.77
C GLN D 465 -22.15 -2.07 4.27
N LYS D 466 -20.85 -2.21 4.51
CA LYS D 466 -19.91 -1.19 4.05
C LYS D 466 -19.59 -1.32 2.57
N ALA D 467 -19.90 -2.45 1.95
CA ALA D 467 -19.68 -2.60 0.50
C ALA D 467 -20.60 -1.68 -0.28
N THR D 468 -21.86 -1.59 0.12
CA THR D 468 -22.95 -0.80 -0.49
C THR D 468 -22.90 -0.68 -2.02
N MET D 482 -32.51 3.66 -0.84
CA MET D 482 -31.12 3.25 -0.72
C MET D 482 -30.69 3.15 0.75
N LYS D 483 -31.19 4.08 1.56
CA LYS D 483 -30.87 4.06 2.98
C LYS D 483 -31.56 2.90 3.69
N ASP D 484 -32.67 2.41 3.15
CA ASP D 484 -33.38 1.30 3.78
C ASP D 484 -32.57 0.00 3.72
N PHE D 485 -31.72 -0.17 2.70
CA PHE D 485 -30.91 -1.37 2.61
C PHE D 485 -29.86 -1.43 3.73
N ARG D 486 -29.14 -0.32 3.93
CA ARG D 486 -28.18 -0.29 5.04
C ARG D 486 -28.87 -0.22 6.40
N HIS D 487 -30.08 0.31 6.48
CA HIS D 487 -30.85 0.21 7.72
C HIS D 487 -31.21 -1.24 8.02
N GLY D 488 -31.58 -2.00 6.99
CA GLY D 488 -31.83 -3.42 7.18
C GLY D 488 -30.59 -4.17 7.58
N PHE D 489 -29.43 -3.79 7.02
CA PHE D 489 -28.17 -4.37 7.46
C PHE D 489 -27.89 -4.03 8.93
N ASP D 490 -28.22 -2.81 9.34
CA ASP D 490 -28.03 -2.41 10.74
C ASP D 490 -28.91 -3.25 11.67
N ILE D 491 -30.17 -3.47 11.28
CA ILE D 491 -31.04 -4.33 12.08
C ILE D 491 -30.52 -5.78 12.08
N LEU D 492 -29.97 -6.21 10.95
CA LEU D 492 -29.44 -7.58 10.84
C LEU D 492 -28.27 -7.79 11.79
N VAL D 493 -27.30 -6.87 11.76
CA VAL D 493 -26.15 -7.01 12.66
C VAL D 493 -26.55 -6.74 14.10
N GLY D 494 -27.61 -5.96 14.34
CA GLY D 494 -28.14 -5.84 15.69
C GLY D 494 -28.72 -7.14 16.21
N GLN D 495 -29.42 -7.88 15.36
CA GLN D 495 -29.91 -9.19 15.76
C GLN D 495 -28.77 -10.18 15.94
N ILE D 496 -27.71 -10.05 15.15
CA ILE D 496 -26.50 -10.86 15.38
C ILE D 496 -25.91 -10.55 16.74
N ASP D 497 -25.88 -9.27 17.10
CA ASP D 497 -25.40 -8.85 18.42
C ASP D 497 -26.27 -9.42 19.54
N ASP D 498 -27.59 -9.42 19.35
CA ASP D 498 -28.49 -9.99 20.34
C ASP D 498 -28.27 -11.49 20.49
N ALA D 499 -28.07 -12.19 19.37
CA ALA D 499 -27.78 -13.62 19.42
C ALA D 499 -26.47 -13.90 20.13
N LEU D 500 -25.44 -13.06 19.90
CA LEU D 500 -24.18 -13.21 20.61
C LEU D 500 -24.36 -12.99 22.11
N LYS D 501 -25.15 -11.98 22.48
CA LYS D 501 -25.40 -11.69 23.89
C LYS D 501 -26.11 -12.85 24.56
N LEU D 502 -27.09 -13.45 23.89
CA LEU D 502 -27.82 -14.56 24.48
C LEU D 502 -27.09 -15.90 24.33
N ALA D 503 -26.05 -15.97 23.50
CA ALA D 503 -25.25 -17.18 23.39
C ALA D 503 -24.08 -17.19 24.37
N ASN D 504 -23.56 -16.01 24.73
CA ASN D 504 -22.50 -15.96 25.75
C ASN D 504 -23.00 -16.24 27.15
N GLU D 505 -24.32 -16.31 27.35
CA GLU D 505 -24.91 -16.61 28.66
C GLU D 505 -25.13 -18.10 28.88
N GLY D 506 -24.78 -18.94 27.91
CA GLY D 506 -24.93 -20.38 28.07
C GLY D 506 -26.23 -20.97 27.54
N LYS D 507 -27.02 -20.19 26.82
CA LYS D 507 -28.28 -20.67 26.25
C LYS D 507 -28.07 -21.07 24.79
N VAL D 508 -28.59 -22.24 24.42
CA VAL D 508 -28.39 -22.80 23.09
C VAL D 508 -29.67 -22.77 22.26
N LYS D 509 -30.76 -23.34 22.79
CA LYS D 509 -32.02 -23.38 22.05
C LYS D 509 -32.59 -22.00 21.82
N GLU D 510 -32.53 -21.13 22.84
CA GLU D 510 -32.97 -19.75 22.67
C GLU D 510 -32.06 -19.01 21.68
N ALA D 511 -30.76 -19.26 21.73
CA ALA D 511 -29.86 -18.69 20.74
C ALA D 511 -30.15 -19.24 19.36
N GLN D 512 -30.53 -20.51 19.27
CA GLN D 512 -30.92 -21.09 17.99
C GLN D 512 -32.15 -20.40 17.42
N ALA D 513 -33.15 -20.12 18.27
CA ALA D 513 -34.35 -19.43 17.82
C ALA D 513 -34.02 -17.99 17.39
N ALA D 514 -33.18 -17.31 18.16
CA ALA D 514 -32.78 -15.96 17.79
C ALA D 514 -32.01 -15.96 16.48
N ALA D 515 -31.22 -17.00 16.22
CA ALA D 515 -30.46 -17.10 14.98
C ALA D 515 -31.38 -17.36 13.80
N GLU D 516 -32.37 -18.24 13.97
CA GLU D 516 -33.31 -18.49 12.88
C GLU D 516 -34.30 -17.35 12.68
N GLN D 517 -34.40 -16.42 13.63
CA GLN D 517 -35.27 -15.27 13.46
C GLN D 517 -34.72 -14.25 12.46
N LEU D 518 -33.45 -14.36 12.07
CA LEU D 518 -32.86 -13.43 11.11
C LEU D 518 -33.49 -13.48 9.72
N LYS D 519 -34.13 -14.60 9.35
CA LYS D 519 -34.68 -14.72 8.00
C LYS D 519 -35.80 -13.72 7.75
N THR D 520 -36.63 -13.44 8.76
CA THR D 520 -37.78 -12.55 8.58
C THR D 520 -37.34 -11.13 8.23
N THR D 521 -36.29 -10.63 8.88
CA THR D 521 -35.74 -9.32 8.55
C THR D 521 -34.72 -9.36 7.44
N ARG D 522 -34.30 -10.56 7.01
CA ARG D 522 -33.32 -10.70 5.96
C ARG D 522 -33.93 -10.79 4.57
N ASN D 523 -35.08 -11.46 4.44
CA ASN D 523 -35.67 -11.66 3.13
C ASN D 523 -36.37 -10.41 2.61
N ALA D 524 -37.00 -9.63 3.50
CA ALA D 524 -37.86 -8.54 3.08
C ALA D 524 -37.14 -7.21 2.95
N TYR D 525 -35.86 -7.12 3.29
CA TYR D 525 -35.14 -5.85 3.28
C TYR D 525 -34.00 -5.82 2.28
N ILE D 526 -33.19 -6.87 2.22
CA ILE D 526 -31.95 -6.84 1.45
C ILE D 526 -32.09 -7.69 0.19
N GLN D 527 -32.84 -8.78 0.28
CA GLN D 527 -32.97 -9.70 -0.83
C GLN D 527 -33.62 -9.03 -2.05
N LYS D 528 -34.52 -8.08 -1.81
CA LYS D 528 -35.12 -7.33 -2.91
C LYS D 528 -34.08 -6.53 -3.67
N TYR D 529 -33.14 -5.90 -2.96
CA TYR D 529 -32.06 -5.19 -3.62
C TYR D 529 -31.13 -6.15 -4.36
N LEU D 530 -30.93 -7.35 -3.81
CA LEU D 530 -30.12 -8.34 -4.49
C LEU D 530 -30.77 -8.78 -5.80
N GLU D 531 -32.09 -8.98 -5.79
CA GLU D 531 -32.78 -9.28 -7.05
C GLU D 531 -32.76 -8.09 -7.99
N ARG D 532 -32.77 -6.87 -7.46
CA ARG D 532 -32.66 -5.69 -8.32
C ARG D 532 -31.31 -5.66 -9.03
N ALA D 533 -30.22 -5.92 -8.28
CA ALA D 533 -28.91 -6.03 -8.91
C ALA D 533 -28.84 -7.23 -9.84
N ARG D 534 -29.66 -8.25 -9.58
CA ARG D 534 -29.84 -9.38 -10.49
C ARG D 534 -30.89 -9.08 -11.55
N SER D 535 -31.32 -7.82 -11.68
CA SER D 535 -32.23 -7.42 -12.75
C SER D 535 -31.77 -6.16 -13.47
N THR D 536 -30.67 -5.54 -13.04
CA THR D 536 -30.18 -4.34 -13.72
C THR D 536 -28.69 -4.32 -13.95
N LEU D 537 -27.93 -5.33 -13.53
CA LEU D 537 -26.48 -5.33 -13.76
C LEU D 537 -26.06 -6.54 -14.58
N GLU D 539 -31.52 -6.98 -17.85
CA GLU D 539 -30.65 -7.26 -16.73
C GLU D 539 -29.19 -6.93 -17.02
N LYS D 540 -28.53 -7.84 -17.72
CA LYS D 540 -27.08 -7.94 -17.69
C LYS D 540 -26.48 -7.00 -18.73
N LEU D 541 -25.51 -6.20 -18.31
CA LEU D 541 -24.82 -5.29 -19.22
C LEU D 541 -23.80 -6.06 -20.05
N LYS D 542 -23.51 -7.30 -19.70
CA LYS D 542 -22.68 -8.14 -20.57
C LYS D 542 -23.38 -8.43 -21.88
N LYS D 543 -24.72 -8.43 -21.88
CA LYS D 543 -25.45 -8.50 -23.14
C LYS D 543 -25.15 -7.28 -24.01
N PHE D 544 -24.93 -6.13 -23.38
CA PHE D 544 -24.44 -4.97 -24.10
C PHE D 544 -22.93 -5.01 -24.28
N MET D 545 -22.20 -5.49 -23.25
CA MET D 545 -20.74 -5.55 -23.32
C MET D 545 -20.28 -6.46 -24.45
N ILE D 546 -20.92 -7.62 -24.61
CA ILE D 546 -20.63 -8.47 -25.76
C ILE D 546 -21.01 -7.78 -27.05
N ARG D 547 -22.19 -7.14 -27.08
CA ARG D 547 -22.67 -6.53 -28.31
C ARG D 547 -21.81 -5.34 -28.71
N ILE D 548 -21.42 -4.49 -27.76
CA ILE D 548 -20.51 -3.40 -28.08
C ILE D 548 -19.12 -3.95 -28.39
N GLY D 549 -18.73 -5.04 -27.71
CA GLY D 549 -17.41 -5.62 -27.96
C GLY D 549 -17.28 -6.19 -29.36
N VAL D 550 -18.31 -6.91 -29.82
CA VAL D 550 -18.31 -7.41 -31.18
C VAL D 550 -18.44 -6.28 -32.20
N PHE D 551 -19.33 -5.32 -31.94
CA PHE D 551 -19.53 -4.21 -32.88
C PHE D 551 -18.28 -3.34 -33.00
N SER D 552 -17.65 -3.01 -31.88
CA SER D 552 -16.41 -2.26 -31.94
C SER D 552 -15.28 -3.12 -32.51
N GLY D 553 -15.30 -4.43 -32.22
CA GLY D 553 -14.26 -5.30 -32.74
C GLY D 553 -14.31 -5.43 -34.25
N LEU D 554 -15.49 -5.53 -34.83
CA LEU D 554 -15.63 -5.62 -36.28
C LEU D 554 -15.74 -4.27 -36.96
N TYR D 555 -15.60 -3.16 -36.22
CA TYR D 555 -15.53 -1.84 -36.81
C TYR D 555 -14.16 -1.21 -36.68
N LEU D 556 -13.43 -1.56 -35.62
CA LEU D 556 -12.11 -0.95 -35.40
C LEU D 556 -11.05 -1.54 -36.33
N VAL D 557 -10.94 -2.87 -36.39
CA VAL D 557 -9.89 -3.48 -37.20
C VAL D 557 -10.07 -3.26 -38.70
N PRO D 558 -11.29 -3.04 -39.24
CA PRO D 558 -11.33 -2.48 -40.59
C PRO D 558 -10.94 -1.02 -40.64
N LEU D 559 -11.23 -0.26 -39.59
CA LEU D 559 -10.90 1.16 -39.59
C LEU D 559 -9.42 1.39 -39.39
N VAL D 560 -8.80 0.61 -38.49
CA VAL D 560 -7.35 0.72 -38.27
C VAL D 560 -6.60 0.32 -39.54
N THR D 561 -7.09 -0.71 -40.24
CA THR D 561 -6.53 -1.04 -41.55
C THR D 561 -6.78 0.08 -42.54
N LEU D 562 -7.98 0.69 -42.49
CA LEU D 562 -8.26 1.85 -43.34
C LEU D 562 -7.40 3.04 -42.93
N LEU D 563 -7.25 3.26 -41.63
CA LEU D 563 -6.33 4.30 -41.16
C LEU D 563 -4.89 3.95 -41.48
N GLY D 564 -4.56 2.66 -41.53
CA GLY D 564 -3.23 2.24 -41.90
C GLY D 564 -2.87 2.58 -43.33
N CYS D 565 -3.86 2.54 -44.23
CA CYS D 565 -3.58 2.92 -45.61
C CYS D 565 -3.56 4.44 -45.77
N TYR D 566 -4.33 5.16 -44.95
CA TYR D 566 -4.26 6.63 -44.96
C TYR D 566 -2.88 7.12 -44.58
N VAL D 567 -2.28 6.55 -43.53
CA VAL D 567 -0.92 6.96 -43.17
C VAL D 567 0.09 6.43 -44.16
N TYR D 568 -0.21 5.32 -44.83
CA TYR D 568 0.67 4.82 -45.89
C TYR D 568 0.63 5.73 -47.10
N GLU D 569 -0.54 6.28 -47.42
CA GLU D 569 -0.64 7.27 -48.48
C GLU D 569 0.11 8.55 -48.13
N GLN D 570 0.03 8.98 -46.86
CA GLN D 570 0.58 10.28 -46.48
C GLN D 570 2.10 10.25 -46.49
N VAL D 571 2.71 9.13 -46.11
CA VAL D 571 4.17 9.07 -46.01
C VAL D 571 4.85 8.82 -47.34
N ASN D 572 4.08 8.62 -48.41
CA ASN D 572 4.68 8.26 -49.70
C ASN D 572 4.10 9.02 -50.89
N ARG D 573 3.12 9.89 -50.68
CA ARG D 573 2.46 10.55 -51.82
C ARG D 573 3.43 11.46 -52.56
N ILE D 574 4.33 12.13 -51.83
CA ILE D 574 5.30 13.02 -52.46
C ILE D 574 6.24 12.23 -53.37
N THR D 575 6.71 11.07 -52.90
CA THR D 575 7.54 10.20 -53.74
C THR D 575 6.74 9.64 -54.91
N TRP D 576 5.48 9.28 -54.67
CA TRP D 576 4.65 8.67 -55.71
C TRP D 576 4.41 9.63 -56.86
N GLU D 577 4.29 10.92 -56.56
CA GLU D 577 4.09 11.91 -57.62
C GLU D 577 5.39 12.15 -58.40
N ILE D 578 6.54 12.09 -57.73
CA ILE D 578 7.79 12.42 -58.41
C ILE D 578 8.30 11.27 -59.28
N THR D 579 7.95 10.02 -58.96
CA THR D 579 8.25 8.95 -59.90
C THR D 579 7.27 8.92 -61.07
N TRP D 580 6.04 9.40 -60.86
CA TRP D 580 5.10 9.50 -61.98
C TRP D 580 5.57 10.51 -63.02
N VAL D 581 6.06 11.67 -62.59
CA VAL D 581 6.50 12.68 -63.54
C VAL D 581 7.82 12.28 -64.20
N SER D 582 8.63 11.44 -63.55
CA SER D 582 9.89 10.99 -64.13
C SER D 582 9.70 9.79 -65.05
N ASP D 583 8.77 8.89 -64.72
CA ASP D 583 8.53 7.72 -65.58
C ASP D 583 7.89 8.10 -66.91
N HIS D 584 7.14 9.20 -66.95
CA HIS D 584 6.46 9.60 -68.18
C HIS D 584 7.00 10.92 -68.70
N CYS D 585 8.32 11.09 -68.65
CA CYS D 585 8.96 12.32 -69.12
C CYS D 585 9.37 12.25 -70.59
N ARG D 586 8.99 11.18 -71.30
CA ARG D 586 9.40 10.99 -72.68
C ARG D 586 8.39 11.56 -73.68
N GLN D 587 7.10 11.24 -73.50
CA GLN D 587 6.10 11.66 -74.46
C GLN D 587 5.84 13.16 -74.40
N TYR D 588 5.80 13.73 -73.20
CA TYR D 588 5.55 15.15 -73.04
C TYR D 588 6.83 15.94 -73.25
N HIS D 589 6.73 17.26 -73.16
CA HIS D 589 7.91 18.10 -73.07
C HIS D 589 8.57 17.85 -71.72
N ILE D 590 9.89 17.61 -71.74
CA ILE D 590 10.61 17.01 -70.62
C ILE D 590 10.54 17.87 -69.36
N PRO D 591 9.85 17.41 -68.32
CA PRO D 591 9.81 18.16 -67.07
C PRO D 591 10.84 17.68 -66.06
N CYS D 592 11.45 18.66 -65.38
CA CYS D 592 12.44 18.52 -64.30
C CYS D 592 13.44 17.38 -64.52
N PRO D 593 14.35 17.51 -65.49
CA PRO D 593 15.41 16.49 -65.64
C PRO D 593 16.32 16.42 -64.41
N TYR D 594 16.51 17.53 -63.72
CA TYR D 594 17.25 17.53 -62.46
C TYR D 594 16.45 16.79 -61.38
N GLN D 595 17.19 16.20 -60.43
CA GLN D 595 16.71 15.52 -59.22
C GLN D 595 15.61 14.49 -59.49
N ALA D 596 15.51 14.02 -60.73
CA ALA D 596 14.52 13.01 -61.11
C ALA D 596 15.06 11.60 -60.92
N LYS D 597 15.57 11.32 -59.73
CA LYS D 597 16.13 10.01 -59.39
C LYS D 597 15.38 9.47 -58.18
N ALA D 598 14.25 8.82 -58.44
CA ALA D 598 13.45 8.18 -57.41
C ALA D 598 12.62 7.08 -58.05
N LYS D 599 12.51 5.95 -57.38
CA LYS D 599 11.77 4.81 -57.93
C LYS D 599 11.08 4.09 -56.78
N ALA D 600 9.78 4.35 -56.62
CA ALA D 600 8.95 3.64 -55.66
C ALA D 600 7.56 3.52 -56.26
N ARG D 601 7.32 2.43 -56.98
CA ARG D 601 6.03 2.24 -57.63
C ARG D 601 4.98 1.86 -56.59
N PRO D 602 3.80 2.49 -56.60
CA PRO D 602 2.76 2.09 -55.66
C PRO D 602 2.25 0.69 -55.96
N GLU D 603 1.81 0.00 -54.92
CA GLU D 603 1.27 -1.34 -55.04
C GLU D 603 -0.25 -1.28 -55.16
N LEU D 604 -0.79 -1.97 -56.16
CA LEU D 604 -2.23 -1.99 -56.38
C LEU D 604 -2.98 -2.73 -55.29
N ALA D 605 -2.33 -3.63 -54.58
CA ALA D 605 -2.97 -4.38 -53.51
C ALA D 605 -3.24 -3.54 -52.27
N LEU D 606 -2.92 -2.25 -52.29
CA LEU D 606 -3.16 -1.37 -51.15
C LEU D 606 -4.37 -0.46 -51.36
N PHE D 607 -4.62 0.02 -52.58
CA PHE D 607 -5.71 0.96 -52.80
C PHE D 607 -7.07 0.29 -52.73
N MET D 608 -7.22 -0.87 -53.38
CA MET D 608 -8.52 -1.55 -53.30
C MET D 608 -8.79 -2.08 -51.90
N ILE D 609 -7.76 -2.30 -51.10
CA ILE D 609 -7.99 -2.58 -49.68
C ILE D 609 -8.55 -1.34 -48.98
N LYS D 610 -8.00 -0.16 -49.30
CA LYS D 610 -8.52 1.08 -48.73
C LYS D 610 -9.96 1.31 -49.13
N TYR D 611 -10.29 1.05 -50.39
CA TYR D 611 -11.68 1.14 -50.83
C TYR D 611 -12.51 0.00 -50.24
N LEU D 612 -11.90 -1.16 -49.99
CA LEU D 612 -12.60 -2.23 -49.30
C LEU D 612 -12.94 -1.85 -47.87
N MET D 613 -11.94 -1.42 -47.11
CA MET D 613 -12.15 -1.15 -45.69
C MET D 613 -13.04 0.06 -45.46
N THR D 614 -13.19 0.92 -46.47
CA THR D 614 -14.14 2.01 -46.41
C THR D 614 -15.58 1.51 -46.47
N LEU D 615 -15.80 0.30 -46.98
CA LEU D 615 -17.13 -0.28 -47.08
C LEU D 615 -17.39 -1.39 -46.08
N ILE D 616 -16.34 -2.13 -45.67
CA ILE D 616 -16.51 -3.21 -44.70
C ILE D 616 -16.84 -2.65 -43.31
N VAL D 617 -16.48 -1.40 -43.04
CA VAL D 617 -16.86 -0.78 -41.78
C VAL D 617 -18.37 -0.65 -41.65
N GLY D 618 -19.10 -0.57 -42.76
CA GLY D 618 -20.52 -0.38 -42.73
C GLY D 618 -21.37 -1.63 -42.57
N ILE D 619 -20.75 -2.81 -42.62
CA ILE D 619 -21.52 -4.05 -42.53
C ILE D 619 -21.38 -4.64 -41.13
N SER D 620 -20.85 -3.85 -40.20
CA SER D 620 -20.70 -4.31 -38.83
C SER D 620 -22.00 -4.22 -38.03
N ALA D 621 -23.04 -3.59 -38.59
CA ALA D 621 -24.32 -3.49 -37.88
C ALA D 621 -25.23 -4.69 -38.10
N VAL D 622 -24.89 -5.57 -39.04
CA VAL D 622 -25.76 -6.73 -39.30
C VAL D 622 -25.60 -7.76 -38.19
N PHE D 623 -24.47 -7.75 -37.48
CA PHE D 623 -24.27 -8.69 -36.39
C PHE D 623 -24.97 -8.26 -35.12
N TRP D 624 -25.41 -7.00 -35.06
CA TRP D 624 -26.19 -6.53 -33.92
C TRP D 624 -27.63 -7.02 -34.01
N VAL D 625 -28.15 -7.19 -35.23
CA VAL D 625 -29.57 -7.48 -35.42
C VAL D 625 -29.84 -8.95 -35.74
#